data_9U9Y
#
_entry.id   9U9Y
#
_cell.length_a   1.00
_cell.length_b   1.00
_cell.length_c   1.00
_cell.angle_alpha   90.00
_cell.angle_beta   90.00
_cell.angle_gamma   90.00
#
_symmetry.space_group_name_H-M   'P 1'
#
loop_
_entity.id
_entity.type
_entity.pdbx_description
1 polymer 'AAA family ATPase'
2 polymer 'TIGR02646 family protein'
3 non-polymer "ADENOSINE-5'-TRIPHOSPHATE"
4 non-polymer 'ZINC ION'
#
loop_
_entity_poly.entity_id
_entity_poly.type
_entity_poly.pdbx_seq_one_letter_code
_entity_poly.pdbx_strand_id
1 'polypeptide(L)'
;MTKQYERKAKGGNLLSAFELYQRNSDKAPGLGEMLVGEWFEMCRDYIQDGHVDESGIFRPDNAFYLRRLTLKDFRRFSLL
EIKLEEDLTVIIGNNGKGKAAILYAIAKTLSWFVANILKEGGSGQRLSEMTDIKNDAEDRYSDVSSTFFFGKGLKSVPIR
LSRSALGTAERRDSEVKPAKDLADIWRVINEVNTINLPTFALYNVERSQPFNRNIKDNTGRREERFDAYSQTLGGAGRFD
HFVEWYIYLHKRTVSDISSSIKELEQQVNDLQRTVDGGMVSVKSLLEQMKFKLSEAIERNDAAVSSRVLTESVQKSIVEK
AICSVVPSISNIWVEMITGSDLVKVTNDGHDVTIDQLSDGQRVFLSLVADLARRMVMLNPLLENPLEGRGIVLIDEIELH
LHPKWQQEVILNLRSAFPNIQFIITTHSPIVLSTIEKRCIREFEPNDDGDQSFLDSPDMQTKGSENAQILEQVMNVHSTP
PGIAESHWLGNFELLLLDNSGELDNHSQVLYDQIKAHFGIDSIELKKADSLIRINKMKNKLNKIRAEKGK
;
A,B
2 'polypeptide(L)'
;MRELARLERPEILDQYIAGQNDWMEIDQSAVWPKLTEMQGGFCAYCECRLNRCHIEHFRPRGKFPALTFIWNNLFGSCGD
SRKSGGWSRCGIYKDNGAGAYNADDLIKPDEENPDDYLLFLTTGEVVPAIGLTGRALKKAQETIRVFNLNGDIKLFGSRR
TAVQAIMPNVEYLYTLLEEFDEDDWNEMLRDELEKIESDEYKTALKHAWTFNQEFA
;
H
#
loop_
_chem_comp.id
_chem_comp.type
_chem_comp.name
_chem_comp.formula
ATP non-polymer ADENOSINE-5'-TRIPHOSPHATE 'C10 H16 N5 O13 P3'
ZN non-polymer 'ZINC ION' 'Zn 2'
#
# COMPACT_ATOMS: atom_id res chain seq x y z
N MET A 42 -43.50 22.02 -16.13
CA MET A 42 -42.67 23.14 -16.55
C MET A 42 -41.20 22.72 -16.68
N CYS A 43 -40.30 23.70 -16.71
CA CYS A 43 -38.88 23.40 -16.81
C CYS A 43 -38.36 22.73 -15.54
N ARG A 44 -39.03 22.95 -14.41
CA ARG A 44 -38.60 22.35 -13.15
C ARG A 44 -38.73 20.83 -13.19
N ASP A 45 -39.80 20.32 -13.80
CA ASP A 45 -40.01 18.88 -13.88
C ASP A 45 -38.94 18.21 -14.71
N TYR A 46 -38.36 18.92 -15.68
CA TYR A 46 -37.24 18.39 -16.45
C TYR A 46 -36.05 18.09 -15.56
N ILE A 47 -35.92 18.80 -14.45
CA ILE A 47 -34.80 18.61 -13.54
C ILE A 47 -35.15 17.67 -12.39
N GLN A 48 -36.39 17.73 -11.91
CA GLN A 48 -36.75 17.06 -10.66
C GLN A 48 -37.20 15.61 -10.85
N ASP A 49 -37.73 15.25 -12.01
CA ASP A 49 -38.24 13.90 -12.18
C ASP A 49 -37.10 12.88 -12.25
N GLY A 50 -37.44 11.63 -11.97
CA GLY A 50 -36.49 10.55 -12.01
C GLY A 50 -37.17 9.22 -11.83
N HIS A 51 -36.38 8.19 -11.60
CA HIS A 51 -36.92 6.85 -11.38
C HIS A 51 -35.94 6.04 -10.54
N VAL A 52 -36.49 5.20 -9.67
CA VAL A 52 -35.70 4.40 -8.75
C VAL A 52 -35.42 3.03 -9.37
N ASP A 53 -34.19 2.55 -9.22
CA ASP A 53 -33.82 1.24 -9.72
C ASP A 53 -34.38 0.14 -8.81
N GLU A 54 -34.26 -1.10 -9.29
CA GLU A 54 -34.57 -2.25 -8.44
C GLU A 54 -33.62 -2.37 -7.26
N SER A 55 -32.43 -1.78 -7.37
CA SER A 55 -31.47 -1.73 -6.28
C SER A 55 -31.82 -0.70 -5.22
N GLY A 56 -32.86 0.10 -5.45
CA GLY A 56 -33.21 1.18 -4.55
C GLY A 56 -32.53 2.50 -4.86
N ILE A 57 -31.69 2.56 -5.89
CA ILE A 57 -30.98 3.78 -6.24
C ILE A 57 -31.89 4.67 -7.08
N PHE A 58 -32.05 5.92 -6.65
CA PHE A 58 -32.74 6.90 -7.47
C PHE A 58 -31.87 7.29 -8.66
N ARG A 59 -32.47 7.31 -9.84
CA ARG A 59 -31.77 7.65 -11.07
C ARG A 59 -32.43 8.86 -11.72
N PRO A 60 -31.71 9.95 -11.93
CA PRO A 60 -32.27 11.08 -12.67
C PRO A 60 -32.35 10.75 -14.15
N ASP A 61 -33.55 10.81 -14.72
CA ASP A 61 -33.73 10.48 -16.13
C ASP A 61 -32.94 11.43 -17.02
N ASN A 62 -33.01 12.72 -16.73
CA ASN A 62 -32.18 13.71 -17.42
C ASN A 62 -30.85 13.84 -16.67
N ALA A 63 -30.06 12.76 -16.76
CA ALA A 63 -28.79 12.72 -16.06
C ALA A 63 -27.83 13.77 -16.58
N PHE A 64 -27.19 14.47 -15.67
CA PHE A 64 -26.25 15.53 -16.00
C PHE A 64 -24.83 15.01 -15.83
N TYR A 65 -24.06 15.01 -16.91
CA TYR A 65 -22.68 14.55 -16.84
C TYR A 65 -21.89 15.18 -17.98
N LEU A 66 -20.59 15.29 -17.77
CA LEU A 66 -19.71 15.76 -18.83
C LEU A 66 -19.57 14.65 -19.86
N ARG A 67 -19.96 14.94 -21.11
CA ARG A 67 -19.92 13.93 -22.15
C ARG A 67 -18.62 13.96 -22.95
N ARG A 68 -18.23 15.12 -23.47
CA ARG A 68 -17.02 15.22 -24.26
C ARG A 68 -16.23 16.45 -23.82
N LEU A 69 -14.90 16.33 -23.84
CA LEU A 69 -14.02 17.40 -23.42
C LEU A 69 -12.88 17.52 -24.42
N THR A 70 -12.56 18.75 -24.81
CA THR A 70 -11.50 19.01 -25.78
C THR A 70 -10.60 20.12 -25.25
N LEU A 71 -9.29 19.91 -25.33
CA LEU A 71 -8.30 20.91 -24.94
C LEU A 71 -7.45 21.26 -26.15
N LYS A 72 -7.34 22.56 -26.43
CA LYS A 72 -6.51 23.06 -27.52
C LYS A 72 -5.43 23.96 -26.94
N ASP A 73 -4.17 23.61 -27.22
CA ASP A 73 -3.00 24.39 -26.79
C ASP A 73 -2.99 24.60 -25.28
N PHE A 74 -3.41 23.58 -24.54
CA PHE A 74 -3.56 23.67 -23.09
C PHE A 74 -2.45 22.83 -22.46
N ARG A 75 -1.62 23.48 -21.64
CA ARG A 75 -0.52 22.83 -20.93
C ARG A 75 0.43 22.14 -21.90
N ARG A 76 0.24 20.84 -22.11
CA ARG A 76 1.10 20.08 -23.01
C ARG A 76 0.36 19.56 -24.24
N PHE A 77 -0.96 19.70 -24.30
CA PHE A 77 -1.75 19.13 -25.39
C PHE A 77 -1.90 20.16 -26.51
N SER A 78 -1.49 19.79 -27.72
CA SER A 78 -1.82 20.61 -28.88
C SER A 78 -3.31 20.55 -29.17
N LEU A 79 -3.87 19.35 -29.21
CA LEU A 79 -5.30 19.15 -29.42
C LEU A 79 -5.64 17.75 -28.94
N LEU A 80 -6.45 17.64 -27.91
CA LEU A 80 -6.74 16.35 -27.28
C LEU A 80 -8.21 16.24 -26.95
N GLU A 81 -8.78 15.06 -27.19
CA GLU A 81 -10.20 14.81 -27.00
C GLU A 81 -10.38 13.65 -26.03
N ILE A 82 -11.26 13.84 -25.04
CA ILE A 82 -11.61 12.79 -24.09
C ILE A 82 -13.11 12.59 -24.15
N LYS A 83 -13.55 11.34 -24.26
CA LYS A 83 -14.94 10.98 -24.07
C LYS A 83 -15.08 10.36 -22.68
N LEU A 84 -16.00 10.90 -21.89
CA LEU A 84 -16.13 10.52 -20.49
C LEU A 84 -17.26 9.51 -20.29
N GLU A 85 -17.04 8.59 -19.35
CA GLU A 85 -18.06 7.64 -18.97
C GLU A 85 -19.09 8.32 -18.06
N GLU A 86 -20.33 7.84 -18.14
CA GLU A 86 -21.38 8.39 -17.29
C GLU A 86 -21.15 8.06 -15.82
N ASP A 87 -20.65 6.86 -15.54
CA ASP A 87 -20.53 6.38 -14.16
C ASP A 87 -19.21 6.80 -13.53
N LEU A 88 -18.10 6.43 -14.15
CA LEU A 88 -16.79 6.64 -13.53
C LEU A 88 -15.71 6.58 -14.60
N THR A 89 -14.74 7.47 -14.49
CA THR A 89 -13.62 7.53 -15.43
C THR A 89 -12.33 7.68 -14.66
N VAL A 90 -11.30 6.94 -15.07
CA VAL A 90 -9.99 6.97 -14.42
C VAL A 90 -8.95 7.29 -15.47
N ILE A 91 -8.09 8.26 -15.18
CA ILE A 91 -6.96 8.60 -16.02
C ILE A 91 -5.69 8.11 -15.34
N ILE A 92 -4.83 7.43 -16.09
CA ILE A 92 -3.58 6.91 -15.56
C ILE A 92 -2.44 7.37 -16.46
N GLY A 93 -1.24 7.40 -15.90
CA GLY A 93 -0.08 7.86 -16.64
C GLY A 93 1.10 8.06 -15.72
N ASN A 94 2.25 8.33 -16.34
CA ASN A 94 3.49 8.46 -15.59
C ASN A 94 3.51 9.73 -14.75
N ASN A 95 3.47 10.89 -15.41
CA ASN A 95 3.56 12.16 -14.69
C ASN A 95 2.17 12.62 -14.24
N GLY A 96 2.15 13.33 -13.11
CA GLY A 96 0.89 13.83 -12.60
C GLY A 96 0.37 15.04 -13.37
N LYS A 97 1.24 15.64 -14.19
CA LYS A 97 0.91 16.93 -14.81
C LYS A 97 -0.31 16.82 -15.71
N GLY A 98 -0.35 15.82 -16.59
CA GLY A 98 -1.44 15.71 -17.55
C GLY A 98 -2.78 15.45 -16.88
N LYS A 99 -2.81 14.49 -15.96
CA LYS A 99 -4.05 14.14 -15.26
C LYS A 99 -4.54 15.31 -14.40
N ALA A 100 -3.63 15.98 -13.75
CA ALA A 100 -4.05 17.14 -12.99
C ALA A 100 -4.63 18.11 -13.97
N ALA A 101 -3.86 18.42 -15.00
CA ALA A 101 -4.33 19.38 -15.98
C ALA A 101 -5.77 19.09 -16.25
N ILE A 102 -6.04 17.88 -16.70
CA ILE A 102 -7.42 17.54 -17.02
C ILE A 102 -8.35 17.98 -15.90
N LEU A 103 -8.14 17.46 -14.69
CA LEU A 103 -9.08 17.74 -13.60
C LEU A 103 -9.15 19.24 -13.30
N TYR A 104 -8.04 19.94 -13.45
CA TYR A 104 -8.02 21.39 -13.31
C TYR A 104 -8.89 22.04 -14.37
N ALA A 105 -8.88 21.50 -15.59
CA ALA A 105 -9.74 22.04 -16.65
C ALA A 105 -11.22 21.85 -16.32
N ILE A 106 -11.62 20.65 -15.89
CA ILE A 106 -13.04 20.51 -15.55
C ILE A 106 -13.41 21.37 -14.34
N ALA A 107 -12.49 21.52 -13.38
CA ALA A 107 -12.79 22.35 -12.22
C ALA A 107 -13.03 23.80 -12.64
N LYS A 108 -12.15 24.33 -13.50
CA LYS A 108 -12.30 25.71 -13.92
C LYS A 108 -13.53 25.89 -14.80
N THR A 109 -13.87 24.89 -15.61
CA THR A 109 -15.11 24.97 -16.39
C THR A 109 -16.33 24.95 -15.48
N LEU A 110 -16.34 24.08 -14.48
CA LEU A 110 -17.48 23.98 -13.57
C LEU A 110 -17.60 25.24 -12.72
N SER A 111 -16.50 25.97 -12.56
CA SER A 111 -16.54 27.22 -11.80
C SER A 111 -17.54 28.22 -12.38
N TRP A 112 -17.71 28.24 -13.70
CA TRP A 112 -18.68 29.16 -14.30
C TRP A 112 -20.10 28.77 -13.93
N PHE A 113 -20.42 27.48 -14.00
CA PHE A 113 -21.70 26.99 -13.49
C PHE A 113 -21.90 27.40 -12.05
N VAL A 114 -20.86 27.22 -11.23
CA VAL A 114 -20.95 27.53 -9.80
C VAL A 114 -21.25 29.01 -9.59
N ALA A 115 -20.47 29.88 -10.23
CA ALA A 115 -20.62 31.30 -10.03
C ALA A 115 -21.99 31.79 -10.50
N ASN A 116 -22.45 31.30 -11.66
CA ASN A 116 -23.75 31.75 -12.15
C ASN A 116 -24.90 31.15 -11.36
N ILE A 117 -24.69 30.01 -10.70
CA ILE A 117 -25.69 29.54 -9.75
C ILE A 117 -25.75 30.45 -8.54
N LEU A 118 -24.59 30.92 -8.09
CA LEU A 118 -24.57 31.74 -6.90
C LEU A 118 -25.03 33.15 -7.20
N LYS A 119 -24.23 33.90 -7.96
CA LYS A 119 -24.58 35.29 -8.22
C LYS A 119 -24.96 35.53 -9.67
N GLU A 120 -26.04 36.27 -9.87
CA GLU A 120 -26.45 36.61 -11.22
C GLU A 120 -25.26 37.02 -12.06
N GLY A 121 -25.18 36.46 -13.25
CA GLY A 121 -24.10 36.79 -14.16
C GLY A 121 -22.72 36.76 -13.54
N GLY A 122 -22.54 36.04 -12.45
CA GLY A 122 -21.27 35.98 -11.75
C GLY A 122 -20.18 35.38 -12.60
N SER A 123 -19.07 36.11 -12.76
CA SER A 123 -17.93 35.59 -13.48
C SER A 123 -17.27 34.50 -12.65
N GLY A 124 -17.12 33.31 -13.25
CA GLY A 124 -16.47 32.21 -12.58
C GLY A 124 -14.97 32.25 -12.75
N GLN A 125 -14.32 31.21 -12.25
CA GLN A 125 -12.89 31.07 -12.50
C GLN A 125 -12.65 30.88 -13.98
N ARG A 126 -11.54 31.39 -14.46
CA ARG A 126 -11.21 31.31 -15.87
C ARG A 126 -9.71 31.27 -15.99
N LEU A 127 -9.23 30.85 -17.16
CA LEU A 127 -7.79 30.92 -17.38
C LEU A 127 -7.32 32.37 -17.36
N SER A 128 -7.65 33.13 -18.39
CA SER A 128 -7.18 34.50 -18.56
C SER A 128 -5.67 34.60 -18.36
N GLU A 129 -4.97 33.60 -18.93
CA GLU A 129 -3.51 33.64 -19.14
C GLU A 129 -2.71 33.59 -17.84
N MET A 130 -2.76 32.44 -17.17
CA MET A 130 -1.94 32.23 -16.00
C MET A 130 -0.87 31.25 -16.45
N THR A 131 -0.19 31.54 -17.55
CA THR A 131 0.78 30.61 -18.12
C THR A 131 0.21 29.19 -18.22
N ASP A 132 -1.05 29.11 -18.66
CA ASP A 132 -1.65 27.85 -19.06
C ASP A 132 -1.58 27.63 -20.56
N ILE A 133 -1.14 28.64 -21.32
CA ILE A 133 -0.93 28.47 -22.75
C ILE A 133 0.17 27.44 -22.96
N LYS A 134 -0.02 26.57 -23.95
CA LYS A 134 1.01 25.59 -24.28
C LYS A 134 2.31 26.31 -24.62
N ASN A 135 3.40 25.83 -24.04
CA ASN A 135 4.63 26.61 -23.94
C ASN A 135 5.24 26.96 -25.29
N ASP A 136 4.84 26.26 -26.36
CA ASP A 136 5.33 26.58 -27.70
C ASP A 136 4.17 26.66 -28.70
N ALA A 137 2.98 27.00 -28.22
CA ALA A 137 1.83 27.12 -29.09
C ALA A 137 1.94 28.37 -29.96
N GLU A 138 1.49 28.28 -31.20
CA GLU A 138 1.51 29.45 -32.07
C GLU A 138 0.27 30.30 -31.81
N ASP A 139 -0.84 29.65 -31.51
CA ASP A 139 -2.09 30.39 -31.33
C ASP A 139 -2.08 31.32 -30.13
N ARG A 140 -1.23 31.03 -29.15
CA ARG A 140 -1.18 31.86 -27.97
C ARG A 140 -2.61 32.00 -27.52
N TYR A 141 -3.36 30.92 -27.62
CA TYR A 141 -4.75 30.97 -27.28
C TYR A 141 -5.08 29.60 -26.77
N SER A 142 -6.03 29.51 -25.85
CA SER A 142 -6.32 28.21 -25.28
C SER A 142 -7.79 28.07 -24.99
N ASP A 143 -8.37 27.01 -25.52
CA ASP A 143 -9.79 26.81 -25.35
C ASP A 143 -10.04 25.48 -24.66
N VAL A 144 -10.83 25.49 -23.60
CA VAL A 144 -11.25 24.25 -22.98
C VAL A 144 -12.65 24.00 -23.51
N SER A 145 -12.74 23.17 -24.55
CA SER A 145 -14.03 22.87 -25.16
C SER A 145 -14.63 21.66 -24.48
N SER A 146 -15.78 21.86 -23.83
CA SER A 146 -16.44 20.80 -23.10
C SER A 146 -17.91 20.79 -23.49
N THR A 147 -18.48 19.59 -23.61
CA THR A 147 -19.87 19.42 -24.03
C THR A 147 -20.60 18.66 -22.92
N PHE A 148 -21.39 19.39 -22.14
CA PHE A 148 -22.18 18.77 -21.08
C PHE A 148 -23.48 18.23 -21.65
N PHE A 149 -23.95 17.15 -21.04
CA PHE A 149 -25.21 16.51 -21.42
C PHE A 149 -26.16 16.60 -20.25
N PHE A 150 -27.35 17.15 -20.48
CA PHE A 150 -28.34 17.32 -19.43
C PHE A 150 -29.67 16.71 -19.86
N GLY A 151 -29.62 15.49 -20.35
CA GLY A 151 -30.83 14.75 -20.66
C GLY A 151 -31.21 14.82 -22.13
N LYS A 152 -32.43 14.35 -22.40
CA LYS A 152 -32.92 14.26 -23.77
C LYS A 152 -33.03 15.63 -24.42
N GLY A 153 -33.56 16.60 -23.68
CA GLY A 153 -33.72 17.94 -24.22
C GLY A 153 -32.40 18.65 -24.41
N LEU A 154 -31.67 18.86 -23.31
CA LEU A 154 -30.36 19.52 -23.37
C LEU A 154 -29.28 18.49 -23.72
N LYS A 155 -29.35 18.02 -24.96
CA LYS A 155 -28.41 17.01 -25.43
C LYS A 155 -26.99 17.55 -25.55
N SER A 156 -26.83 18.86 -25.75
CA SER A 156 -25.50 19.43 -25.89
C SER A 156 -25.46 20.82 -25.26
N VAL A 157 -24.48 21.04 -24.41
CA VAL A 157 -24.22 22.35 -23.80
C VAL A 157 -22.74 22.65 -24.00
N PRO A 158 -22.33 23.17 -25.14
CA PRO A 158 -20.90 23.36 -25.43
C PRO A 158 -20.36 24.63 -24.78
N ILE A 159 -19.34 24.47 -23.94
CA ILE A 159 -18.71 25.59 -23.24
C ILE A 159 -17.25 25.65 -23.66
N ARG A 160 -16.74 26.87 -23.82
CA ARG A 160 -15.33 27.05 -24.11
C ARG A 160 -14.83 28.26 -23.35
N LEU A 161 -13.61 28.15 -22.81
CA LEU A 161 -13.04 29.17 -21.93
C LEU A 161 -11.77 29.74 -22.55
N SER A 162 -11.66 31.06 -22.56
CA SER A 162 -10.48 31.79 -23.04
C SER A 162 -10.05 31.37 -24.45
N VAL A 176 -17.35 31.75 -25.26
CA VAL A 176 -18.75 32.14 -25.44
C VAL A 176 -19.48 32.07 -24.11
N LYS A 177 -19.12 31.07 -23.32
CA LYS A 177 -19.70 30.83 -22.00
C LYS A 177 -21.24 30.81 -21.99
N PRO A 178 -21.88 29.91 -22.74
CA PRO A 178 -23.33 29.76 -22.60
C PRO A 178 -23.76 28.91 -21.42
N ALA A 179 -22.83 28.58 -20.52
CA ALA A 179 -23.20 27.84 -19.31
C ALA A 179 -24.14 28.64 -18.43
N LYS A 180 -24.11 29.98 -18.56
CA LYS A 180 -25.06 30.81 -17.86
C LYS A 180 -26.49 30.47 -18.26
N ASP A 181 -26.70 30.09 -19.52
CA ASP A 181 -28.04 29.83 -20.02
C ASP A 181 -28.71 28.70 -19.27
N LEU A 182 -27.94 27.72 -18.80
CA LEU A 182 -28.46 26.65 -17.96
C LEU A 182 -28.37 27.01 -16.48
N ALA A 183 -27.29 27.65 -16.07
CA ALA A 183 -27.15 28.05 -14.68
C ALA A 183 -28.16 29.12 -14.29
N ASP A 184 -28.62 29.93 -15.26
CA ASP A 184 -29.71 30.85 -14.98
C ASP A 184 -30.99 30.08 -14.65
N ILE A 185 -31.20 28.93 -15.29
CA ILE A 185 -32.32 28.07 -14.91
C ILE A 185 -32.09 27.50 -13.53
N TRP A 186 -30.86 27.06 -13.25
CA TRP A 186 -30.54 26.53 -11.93
C TRP A 186 -30.64 27.58 -10.83
N ARG A 187 -30.64 28.86 -11.19
CA ARG A 187 -30.77 29.92 -10.20
C ARG A 187 -32.22 30.40 -10.06
N VAL A 188 -32.86 30.76 -11.17
CA VAL A 188 -34.23 31.25 -11.14
C VAL A 188 -35.18 30.17 -10.62
N ILE A 189 -35.10 28.97 -11.18
CA ILE A 189 -35.60 27.82 -10.46
C ILE A 189 -34.61 27.51 -9.34
N ASN A 190 -35.12 27.05 -8.20
CA ASN A 190 -34.53 27.03 -6.86
C ASN A 190 -34.65 28.40 -6.20
N GLU A 191 -35.13 29.43 -6.91
CA GLU A 191 -35.57 30.67 -6.30
C GLU A 191 -37.09 30.73 -6.21
N VAL A 192 -37.78 30.44 -7.31
CA VAL A 192 -39.24 30.33 -7.27
C VAL A 192 -39.66 29.07 -6.52
N ASN A 193 -38.94 27.97 -6.71
CA ASN A 193 -39.24 26.72 -6.02
C ASN A 193 -37.98 25.87 -6.02
N THR A 194 -37.65 25.32 -4.86
CA THR A 194 -36.36 24.67 -4.65
C THR A 194 -36.20 23.42 -5.52
N ILE A 195 -34.97 23.20 -5.98
CA ILE A 195 -34.61 22.02 -6.75
C ILE A 195 -33.30 21.47 -6.20
N ASN A 196 -33.04 20.20 -6.51
CA ASN A 196 -31.80 19.55 -6.10
C ASN A 196 -30.69 19.97 -7.05
N LEU A 197 -29.86 20.90 -6.61
CA LEU A 197 -28.83 21.48 -7.44
C LEU A 197 -27.73 20.46 -7.72
N PRO A 198 -27.03 20.61 -8.85
CA PRO A 198 -25.93 19.68 -9.14
C PRO A 198 -24.73 19.95 -8.24
N THR A 199 -24.15 18.87 -7.72
CA THR A 199 -23.00 18.97 -6.82
C THR A 199 -21.71 18.93 -7.61
N PHE A 200 -20.78 19.82 -7.28
CA PHE A 200 -19.49 19.84 -7.93
C PHE A 200 -18.41 19.91 -6.86
N ALA A 201 -17.24 19.35 -7.17
CA ALA A 201 -16.16 19.31 -6.19
C ALA A 201 -14.85 18.97 -6.89
N LEU A 202 -13.76 19.42 -6.27
CA LEU A 202 -12.41 19.04 -6.67
C LEU A 202 -11.61 18.78 -5.40
N TYR A 203 -10.96 17.62 -5.34
CA TYR A 203 -10.13 17.24 -4.20
C TYR A 203 -8.71 17.05 -4.70
N ASN A 204 -7.87 18.07 -4.51
CA ASN A 204 -6.50 18.06 -4.96
C ASN A 204 -5.61 17.52 -3.84
N VAL A 205 -4.30 17.69 -3.99
CA VAL A 205 -3.35 17.35 -2.94
C VAL A 205 -3.62 18.18 -1.68
N GLU A 206 -4.14 19.38 -1.85
CA GLU A 206 -4.27 20.34 -0.75
C GLU A 206 -5.20 19.87 0.36
N ARG A 207 -6.01 18.84 0.14
CA ARG A 207 -6.89 18.34 1.19
C ARG A 207 -6.12 17.64 2.30
N SER A 208 -4.84 17.39 2.12
CA SER A 208 -3.98 16.86 3.17
C SER A 208 -3.50 17.94 4.14
N GLN A 209 -4.19 19.07 4.18
CA GLN A 209 -3.80 20.17 5.04
C GLN A 209 -3.85 19.73 6.51
N PRO A 210 -2.98 20.27 7.36
CA PRO A 210 -3.04 19.94 8.79
C PRO A 210 -4.34 20.44 9.41
N PHE A 211 -4.85 19.71 10.39
CA PHE A 211 -6.09 20.07 11.04
C PHE A 211 -5.94 21.36 11.84
N ASN A 218 -16.20 33.64 7.83
CA ASN A 218 -16.26 34.66 6.79
C ASN A 218 -17.61 34.61 6.07
N THR A 219 -18.40 33.59 6.39
CA THR A 219 -19.72 33.42 5.81
C THR A 219 -20.70 33.09 6.93
N GLY A 220 -21.98 33.03 6.58
CA GLY A 220 -22.96 32.48 7.50
C GLY A 220 -22.67 31.03 7.83
N ARG A 221 -22.09 30.29 6.87
CA ARG A 221 -21.47 28.99 7.05
C ARG A 221 -22.50 27.88 7.28
N ARG A 222 -23.75 28.27 7.51
CA ARG A 222 -24.71 27.36 8.11
C ARG A 222 -26.11 27.83 7.74
N GLU A 223 -27.03 26.88 7.63
CA GLU A 223 -28.44 27.10 7.30
C GLU A 223 -28.64 27.72 5.93
N GLU A 224 -27.57 28.02 5.19
CA GLU A 224 -27.64 28.51 3.83
C GLU A 224 -27.06 27.46 2.91
N ARG A 225 -27.85 27.04 1.91
CA ARG A 225 -27.40 25.98 1.02
C ARG A 225 -26.21 26.43 0.20
N PHE A 226 -26.03 27.73 0.02
CA PHE A 226 -24.92 28.26 -0.74
C PHE A 226 -23.66 28.45 0.10
N ASP A 227 -23.61 27.87 1.31
CA ASP A 227 -22.32 27.70 1.95
C ASP A 227 -21.49 26.67 1.21
N ALA A 228 -22.14 25.72 0.55
CA ALA A 228 -21.46 24.97 -0.49
C ALA A 228 -21.12 25.93 -1.63
N TYR A 229 -20.20 25.48 -2.50
CA TYR A 229 -19.56 26.27 -3.56
C TYR A 229 -18.59 27.30 -2.99
N SER A 230 -18.41 27.37 -1.68
CA SER A 230 -17.60 28.43 -1.09
C SER A 230 -16.15 28.33 -1.53
N GLN A 231 -15.54 27.17 -1.35
CA GLN A 231 -14.19 26.93 -1.83
C GLN A 231 -14.07 25.53 -2.42
N THR A 232 -15.14 25.03 -3.02
CA THR A 232 -15.19 23.63 -3.42
C THR A 232 -14.21 23.32 -4.55
N LEU A 233 -14.00 24.25 -5.47
CA LEU A 233 -13.07 24.04 -6.57
C LEU A 233 -11.67 24.51 -6.23
N GLY A 234 -11.42 24.89 -4.97
CA GLY A 234 -10.10 25.34 -4.57
C GLY A 234 -9.07 24.24 -4.45
N GLY A 235 -9.51 22.99 -4.39
CA GLY A 235 -8.61 21.86 -4.30
C GLY A 235 -8.54 21.20 -2.96
N ALA A 236 -9.07 21.82 -1.91
CA ALA A 236 -9.08 21.24 -0.57
C ALA A 236 -10.45 21.43 0.04
N GLY A 237 -10.97 20.37 0.64
CA GLY A 237 -12.24 20.46 1.33
C GLY A 237 -12.13 21.32 2.58
N ARG A 238 -13.23 22.00 2.90
CA ARG A 238 -13.28 22.84 4.10
C ARG A 238 -13.65 21.96 5.30
N PHE A 239 -12.64 21.22 5.77
CA PHE A 239 -12.83 20.31 6.89
C PHE A 239 -13.24 21.06 8.15
N ASP A 240 -12.65 22.24 8.36
CA ASP A 240 -13.03 23.07 9.50
C ASP A 240 -14.49 23.51 9.40
N HIS A 241 -14.94 23.85 8.19
CA HIS A 241 -16.35 24.17 8.00
C HIS A 241 -17.24 22.99 8.35
N PHE A 242 -16.81 21.77 7.96
CA PHE A 242 -17.58 20.58 8.30
C PHE A 242 -17.63 20.38 9.81
N VAL A 243 -16.51 20.61 10.50
CA VAL A 243 -16.49 20.46 11.95
C VAL A 243 -17.45 21.46 12.59
N GLU A 244 -17.43 22.70 12.11
CA GLU A 244 -18.33 23.73 12.64
C GLU A 244 -19.79 23.35 12.43
N TRP A 245 -20.12 22.90 11.22
CA TRP A 245 -21.49 22.52 10.89
C TRP A 245 -21.94 21.33 11.73
N TYR A 246 -21.06 20.35 11.92
CA TYR A 246 -21.33 19.22 12.79
C TYR A 246 -21.59 19.65 14.21
N ILE A 247 -20.77 20.57 14.73
CA ILE A 247 -20.92 21.04 16.10
C ILE A 247 -22.28 21.69 16.28
N TYR A 248 -22.68 22.52 15.32
CA TYR A 248 -23.97 23.21 15.40
C TYR A 248 -25.13 22.22 15.32
N LEU A 249 -25.04 21.24 14.42
CA LEU A 249 -26.10 20.23 14.34
C LEU A 249 -26.22 19.46 15.64
N HIS A 250 -25.08 19.10 16.23
CA HIS A 250 -25.10 18.40 17.51
C HIS A 250 -25.69 19.27 18.61
N LYS A 251 -25.40 20.58 18.56
CA LYS A 251 -25.97 21.50 19.53
C LYS A 251 -27.49 21.55 19.41
N ARG A 252 -28.00 21.60 18.18
CA ARG A 252 -29.45 21.58 18.00
C ARG A 252 -30.05 20.20 18.19
N THR A 253 -29.24 19.15 18.22
CA THR A 253 -29.73 17.80 18.40
C THR A 253 -29.10 17.13 19.61
N THR A 310 -34.23 18.14 7.84
CA THR A 310 -34.10 18.12 9.28
C THR A 310 -32.63 17.97 9.67
N GLU A 311 -32.23 18.65 10.74
CA GLU A 311 -30.84 18.58 11.20
C GLU A 311 -30.47 17.16 11.63
N SER A 312 -31.39 16.48 12.30
CA SER A 312 -31.11 15.13 12.82
C SER A 312 -30.83 14.15 11.69
N VAL A 313 -31.67 14.17 10.64
CA VAL A 313 -31.48 13.23 9.55
C VAL A 313 -30.23 13.57 8.75
N GLN A 314 -29.92 14.87 8.62
CA GLN A 314 -28.66 15.26 7.98
C GLN A 314 -27.47 14.70 8.74
N LYS A 315 -27.48 14.87 10.07
CA LYS A 315 -26.38 14.37 10.89
C LYS A 315 -26.26 12.86 10.79
N SER A 316 -27.39 12.16 10.90
CA SER A 316 -27.37 10.70 10.85
C SER A 316 -26.90 10.20 9.49
N ILE A 317 -27.34 10.84 8.42
CA ILE A 317 -26.94 10.47 7.07
C ILE A 317 -25.44 10.69 6.88
N VAL A 318 -24.92 11.81 7.38
CA VAL A 318 -23.49 12.05 7.29
C VAL A 318 -22.72 10.99 8.05
N GLU A 319 -23.18 10.68 9.28
CA GLU A 319 -22.49 9.69 10.11
C GLU A 319 -22.49 8.32 9.45
N LYS A 320 -23.62 7.93 8.85
CA LYS A 320 -23.69 6.65 8.15
C LYS A 320 -22.72 6.64 6.98
N ALA A 321 -22.60 7.77 6.27
CA ALA A 321 -21.64 7.85 5.18
C ALA A 321 -20.21 7.63 5.68
N ILE A 322 -19.83 8.28 6.79
CA ILE A 322 -18.48 8.08 7.32
C ILE A 322 -18.27 6.63 7.74
N CYS A 323 -19.23 6.07 8.48
CA CYS A 323 -19.05 4.72 9.00
C CYS A 323 -18.97 3.68 7.87
N SER A 324 -19.81 3.81 6.85
CA SER A 324 -19.79 2.85 5.76
C SER A 324 -18.56 3.02 4.89
N VAL A 325 -18.26 4.25 4.47
CA VAL A 325 -17.20 4.44 3.50
C VAL A 325 -15.82 4.20 4.12
N VAL A 326 -15.59 4.75 5.30
CA VAL A 326 -14.28 4.68 5.95
C VAL A 326 -14.24 3.42 6.80
N PRO A 327 -13.25 2.54 6.62
CA PRO A 327 -13.23 1.28 7.38
C PRO A 327 -13.02 1.47 8.88
N SER A 328 -12.05 2.30 9.26
CA SER A 328 -11.61 2.33 10.65
C SER A 328 -12.65 2.94 11.58
N ILE A 329 -13.24 4.07 11.21
CA ILE A 329 -14.14 4.78 12.09
C ILE A 329 -15.45 4.00 12.18
N SER A 330 -15.75 3.48 13.38
CA SER A 330 -17.00 2.78 13.59
C SER A 330 -18.10 3.69 14.12
N ASN A 331 -17.75 4.80 14.76
CA ASN A 331 -18.73 5.73 15.30
C ASN A 331 -18.04 7.07 15.51
N ILE A 332 -18.84 8.13 15.44
CA ILE A 332 -18.34 9.50 15.63
C ILE A 332 -19.41 10.31 16.33
N TRP A 333 -18.99 11.19 17.23
CA TRP A 333 -19.90 12.01 18.01
C TRP A 333 -19.11 13.17 18.61
N VAL A 334 -19.82 14.07 19.27
CA VAL A 334 -19.25 15.30 19.80
C VAL A 334 -19.38 15.29 21.32
N GLU A 335 -18.37 15.85 21.98
CA GLU A 335 -18.33 15.94 23.43
C GLU A 335 -18.05 17.38 23.84
N MET A 336 -17.88 17.60 25.14
CA MET A 336 -17.64 18.92 25.70
C MET A 336 -16.34 19.52 25.18
N ASP A 341 -16.23 22.51 23.12
CA ASP A 341 -16.85 21.47 22.33
C ASP A 341 -15.83 20.77 21.46
N LEU A 342 -15.89 19.44 21.41
CA LEU A 342 -14.86 18.67 20.73
C LEU A 342 -15.47 17.36 20.23
N VAL A 343 -14.95 16.89 19.10
CA VAL A 343 -15.52 15.75 18.37
C VAL A 343 -14.66 14.52 18.62
N LYS A 344 -15.30 13.40 18.93
CA LYS A 344 -14.63 12.15 19.24
C LYS A 344 -15.01 11.09 18.21
N VAL A 345 -14.08 10.17 17.95
CA VAL A 345 -14.29 9.07 17.01
C VAL A 345 -13.92 7.77 17.69
N THR A 346 -14.50 6.67 17.22
CA THR A 346 -14.13 5.33 17.68
C THR A 346 -13.26 4.68 16.60
N ASN A 347 -11.98 5.01 16.64
CA ASN A 347 -11.02 4.54 15.64
C ASN A 347 -10.26 3.35 16.19
N ASP A 348 -10.30 2.24 15.46
CA ASP A 348 -9.66 0.97 15.86
C ASP A 348 -10.10 0.54 17.26
N GLY A 349 -11.40 0.70 17.52
CA GLY A 349 -11.95 0.34 18.82
C GLY A 349 -11.56 1.25 19.96
N HIS A 350 -10.85 2.34 19.69
CA HIS A 350 -10.43 3.29 20.71
C HIS A 350 -11.13 4.62 20.47
N ASP A 351 -11.52 5.28 21.56
CA ASP A 351 -12.19 6.57 21.49
C ASP A 351 -11.13 7.67 21.57
N VAL A 352 -10.82 8.28 20.43
CA VAL A 352 -9.82 9.33 20.35
C VAL A 352 -10.44 10.55 19.67
N THR A 353 -9.67 11.63 19.60
CA THR A 353 -10.13 12.89 19.07
C THR A 353 -9.76 13.00 17.59
N ILE A 354 -10.36 13.98 16.91
CA ILE A 354 -10.17 14.14 15.47
C ILE A 354 -8.70 14.38 15.15
N ASP A 355 -8.05 15.27 15.90
CA ASP A 355 -6.62 15.52 15.68
C ASP A 355 -5.76 14.33 16.07
N GLN A 356 -6.29 13.39 16.85
CA GLN A 356 -5.54 12.19 17.21
C GLN A 356 -5.47 11.20 16.05
N LEU A 357 -6.40 11.27 15.10
CA LEU A 357 -6.43 10.36 13.97
C LEU A 357 -5.19 10.52 13.09
N SER A 358 -4.83 9.47 12.37
CA SER A 358 -3.64 9.49 11.53
C SER A 358 -3.88 10.35 10.30
N ASP A 359 -2.78 10.64 9.59
CA ASP A 359 -2.88 11.50 8.42
C ASP A 359 -3.74 10.87 7.33
N GLY A 360 -3.57 9.58 7.09
CA GLY A 360 -4.40 8.88 6.12
C GLY A 360 -5.85 8.82 6.52
N GLN A 361 -6.10 8.43 7.78
CA GLN A 361 -7.45 8.39 8.32
C GLN A 361 -8.10 9.77 8.24
N ARG A 362 -7.34 10.81 8.60
CA ARG A 362 -7.89 12.16 8.58
C ARG A 362 -8.16 12.63 7.16
N VAL A 363 -7.30 12.29 6.21
CA VAL A 363 -7.50 12.70 4.82
C VAL A 363 -8.76 12.06 4.26
N PHE A 364 -8.91 10.75 4.47
CA PHE A 364 -10.10 10.05 3.99
C PHE A 364 -11.35 10.59 4.67
N LEU A 365 -11.25 10.86 5.98
CA LEU A 365 -12.36 11.45 6.73
C LEU A 365 -12.75 12.80 6.16
N SER A 366 -11.75 13.65 5.90
CA SER A 366 -12.04 15.00 5.41
C SER A 366 -12.71 14.95 4.05
N LEU A 367 -12.19 14.11 3.14
CA LEU A 367 -12.79 14.01 1.81
C LEU A 367 -14.24 13.54 1.90
N VAL A 368 -14.48 12.42 2.60
CA VAL A 368 -15.82 11.86 2.64
C VAL A 368 -16.79 12.81 3.34
N ALA A 369 -16.37 13.38 4.47
CA ALA A 369 -17.25 14.25 5.23
C ALA A 369 -17.55 15.54 4.49
N ASP A 370 -16.54 16.13 3.83
CA ASP A 370 -16.76 17.35 3.07
C ASP A 370 -17.74 17.11 1.94
N LEU A 371 -17.54 16.02 1.18
CA LEU A 371 -18.43 15.75 0.06
C LEU A 371 -19.84 15.46 0.57
N ALA A 372 -19.96 14.71 1.66
CA ALA A 372 -21.28 14.39 2.22
C ALA A 372 -21.99 15.65 2.69
N ARG A 373 -21.28 16.55 3.37
CA ARG A 373 -21.89 17.80 3.83
C ARG A 373 -22.37 18.63 2.66
N ARG A 374 -21.51 18.82 1.65
CA ARG A 374 -21.90 19.62 0.50
C ARG A 374 -23.12 19.03 -0.18
N MET A 375 -23.14 17.71 -0.33
CA MET A 375 -24.20 17.08 -1.11
C MET A 375 -25.50 17.01 -0.33
N VAL A 376 -25.43 16.90 1.00
CA VAL A 376 -26.66 16.89 1.78
C VAL A 376 -27.23 18.30 1.87
N MET A 377 -26.37 19.31 1.80
CA MET A 377 -26.89 20.68 1.77
C MET A 377 -27.44 21.04 0.40
N LEU A 378 -26.85 20.50 -0.67
CA LEU A 378 -27.29 20.85 -2.02
C LEU A 378 -28.53 20.10 -2.47
N ASN A 379 -28.84 18.96 -1.85
CA ASN A 379 -29.95 18.11 -2.26
C ASN A 379 -30.89 17.88 -1.09
N PRO A 380 -31.66 18.89 -0.68
CA PRO A 380 -32.52 18.73 0.49
C PRO A 380 -33.79 17.93 0.23
N LEU A 381 -34.21 17.79 -1.02
CA LEU A 381 -35.49 17.18 -1.34
C LEU A 381 -35.42 15.69 -1.64
N LEU A 382 -34.22 15.12 -1.67
CA LEU A 382 -34.08 13.70 -1.96
C LEU A 382 -34.46 12.86 -0.76
N GLU A 383 -35.04 11.68 -1.03
CA GLU A 383 -35.23 10.70 0.03
C GLU A 383 -33.90 10.26 0.60
N ASN A 384 -32.93 10.02 -0.28
CA ASN A 384 -31.54 9.80 0.12
C ASN A 384 -30.71 10.90 -0.52
N PRO A 385 -30.29 11.92 0.24
CA PRO A 385 -29.47 12.99 -0.35
C PRO A 385 -28.16 12.51 -0.91
N LEU A 386 -27.72 11.31 -0.57
CA LEU A 386 -26.39 10.83 -0.96
C LEU A 386 -26.28 10.49 -2.44
N GLU A 387 -27.39 10.46 -3.18
CA GLU A 387 -27.38 9.96 -4.55
C GLU A 387 -27.83 11.03 -5.55
N GLY A 388 -27.62 12.30 -5.22
CA GLY A 388 -27.94 13.35 -6.17
C GLY A 388 -26.95 13.41 -7.32
N ARG A 389 -27.40 14.02 -8.41
CA ARG A 389 -26.56 14.16 -9.59
C ARG A 389 -25.42 15.12 -9.30
N GLY A 390 -24.30 14.90 -9.97
CA GLY A 390 -23.17 15.79 -9.81
C GLY A 390 -21.92 15.24 -10.44
N ILE A 391 -20.88 16.07 -10.41
CA ILE A 391 -19.57 15.73 -10.94
C ILE A 391 -18.54 15.99 -9.85
N VAL A 392 -17.75 14.98 -9.52
CA VAL A 392 -16.76 15.07 -8.45
C VAL A 392 -15.41 14.64 -9.01
N LEU A 393 -14.39 15.44 -8.74
CA LEU A 393 -13.03 15.16 -9.19
C LEU A 393 -12.17 14.81 -7.99
N ILE A 394 -11.34 13.78 -8.14
CA ILE A 394 -10.42 13.34 -7.09
C ILE A 394 -9.06 13.14 -7.72
N ASP A 395 -8.09 13.94 -7.30
CA ASP A 395 -6.78 13.89 -7.96
C ASP A 395 -5.95 12.71 -7.53
N GLU A 396 -6.04 12.28 -6.27
CA GLU A 396 -5.24 11.15 -5.79
C GLU A 396 -6.14 10.34 -4.88
N ILE A 397 -6.78 9.31 -5.45
CA ILE A 397 -7.72 8.51 -4.68
C ILE A 397 -6.98 7.66 -3.65
N GLU A 398 -5.72 7.30 -3.92
CA GLU A 398 -4.94 6.44 -3.06
C GLU A 398 -4.06 7.22 -2.08
N LEU A 399 -4.35 8.50 -1.86
CA LEU A 399 -3.52 9.34 -1.00
C LEU A 399 -3.53 8.81 0.44
N HIS A 400 -2.35 8.40 0.91
CA HIS A 400 -2.17 7.91 2.29
C HIS A 400 -3.11 6.75 2.61
N LEU A 401 -3.25 5.81 1.68
CA LEU A 401 -4.15 4.68 1.86
C LEU A 401 -3.36 3.38 1.79
N HIS A 402 -3.59 2.51 2.78
CA HIS A 402 -3.01 1.18 2.76
C HIS A 402 -3.69 0.36 1.66
N PRO A 403 -2.96 -0.55 1.00
CA PRO A 403 -3.55 -1.37 -0.07
C PRO A 403 -4.84 -2.08 0.33
N LYS A 404 -4.96 -2.43 1.61
CA LYS A 404 -6.19 -3.06 2.09
C LYS A 404 -7.37 -2.12 1.90
N TRP A 405 -7.18 -0.82 2.14
CA TRP A 405 -8.24 0.14 1.89
C TRP A 405 -8.34 0.49 0.42
N GLN A 406 -7.25 0.34 -0.34
CA GLN A 406 -7.29 0.58 -1.77
C GLN A 406 -8.19 -0.44 -2.47
N GLN A 407 -8.22 -1.67 -1.97
CA GLN A 407 -9.10 -2.69 -2.55
C GLN A 407 -10.58 -2.40 -2.32
N GLU A 408 -10.92 -1.44 -1.47
CA GLU A 408 -12.30 -1.22 -1.07
C GLU A 408 -12.79 0.21 -1.30
N VAL A 409 -11.89 1.15 -1.59
CA VAL A 409 -12.26 2.57 -1.60
C VAL A 409 -13.28 2.87 -2.70
N ILE A 410 -13.07 2.35 -3.91
CA ILE A 410 -13.97 2.69 -5.00
C ILE A 410 -15.31 1.99 -4.84
N LEU A 411 -15.30 0.74 -4.38
CA LEU A 411 -16.56 0.06 -4.13
C LEU A 411 -17.37 0.80 -3.08
N ASN A 412 -16.71 1.27 -2.01
CA ASN A 412 -17.41 2.01 -0.98
C ASN A 412 -17.96 3.33 -1.51
N LEU A 413 -17.14 4.06 -2.27
CA LEU A 413 -17.59 5.33 -2.84
C LEU A 413 -18.78 5.12 -3.77
N ARG A 414 -18.66 4.20 -4.71
CA ARG A 414 -19.72 3.98 -5.69
C ARG A 414 -20.99 3.48 -5.03
N SER A 415 -20.86 2.65 -3.99
CA SER A 415 -22.04 2.23 -3.26
C SER A 415 -22.66 3.38 -2.48
N ALA A 416 -21.86 4.36 -2.06
CA ALA A 416 -22.38 5.51 -1.35
C ALA A 416 -22.66 6.70 -2.26
N PHE A 417 -22.09 6.74 -3.46
CA PHE A 417 -22.22 7.87 -4.38
C PHE A 417 -22.66 7.32 -5.74
N PRO A 418 -23.92 6.94 -5.86
CA PRO A 418 -24.35 6.19 -7.06
C PRO A 418 -24.26 6.97 -8.37
N ASN A 419 -24.92 8.12 -8.44
CA ASN A 419 -25.13 8.81 -9.70
C ASN A 419 -24.01 9.77 -10.07
N ILE A 420 -22.99 9.90 -9.22
CA ILE A 420 -21.99 10.94 -9.41
C ILE A 420 -20.97 10.51 -10.45
N GLN A 421 -20.70 11.38 -11.41
CA GLN A 421 -19.70 11.10 -12.44
C GLN A 421 -18.33 11.35 -11.83
N PHE A 422 -17.71 10.29 -11.33
CA PHE A 422 -16.37 10.40 -10.78
C PHE A 422 -15.36 10.43 -11.90
N ILE A 423 -14.58 11.49 -11.97
CA ILE A 423 -13.41 11.56 -12.83
C ILE A 423 -12.21 11.64 -11.91
N ILE A 424 -11.52 10.50 -11.74
CA ILE A 424 -10.48 10.38 -10.73
C ILE A 424 -9.17 10.03 -11.39
N THR A 425 -8.11 10.07 -10.61
CA THR A 425 -6.75 9.82 -11.06
C THR A 425 -6.03 8.97 -10.04
N THR A 426 -5.27 7.98 -10.51
CA THR A 426 -4.57 7.09 -9.60
C THR A 426 -3.28 6.59 -10.25
N HIS A 427 -2.35 6.18 -9.38
CA HIS A 427 -1.15 5.47 -9.80
C HIS A 427 -1.09 4.07 -9.19
N SER A 428 -2.15 3.63 -8.50
CA SER A 428 -2.11 2.41 -7.72
C SER A 428 -2.83 1.29 -8.45
N PRO A 429 -2.13 0.23 -8.87
CA PRO A 429 -2.79 -0.86 -9.59
C PRO A 429 -3.84 -1.59 -8.77
N ILE A 430 -3.70 -1.60 -7.45
CA ILE A 430 -4.69 -2.27 -6.60
C ILE A 430 -6.06 -1.61 -6.79
N VAL A 431 -6.07 -0.30 -6.98
CA VAL A 431 -7.29 0.40 -7.36
C VAL A 431 -7.80 -0.07 -8.73
N LEU A 432 -6.90 -0.20 -9.72
CA LEU A 432 -7.34 -0.57 -11.06
C LEU A 432 -7.91 -1.98 -11.12
N SER A 433 -7.59 -2.82 -10.14
CA SER A 433 -8.14 -4.17 -10.12
C SER A 433 -9.64 -4.18 -9.92
N THR A 434 -10.23 -3.05 -9.52
CA THR A 434 -11.66 -2.96 -9.24
C THR A 434 -12.40 -2.13 -10.28
N ILE A 435 -11.80 -1.87 -11.43
CA ILE A 435 -12.39 -1.02 -12.45
C ILE A 435 -12.40 -1.75 -13.79
N GLU A 436 -13.55 -1.68 -14.49
CA GLU A 436 -13.66 -2.23 -15.83
C GLU A 436 -12.75 -1.46 -16.78
N LYS A 437 -12.24 -2.15 -17.80
CA LYS A 437 -11.27 -1.53 -18.71
C LYS A 437 -11.90 -0.42 -19.54
N ARG A 438 -13.23 -0.38 -19.66
CA ARG A 438 -13.87 0.69 -20.41
C ARG A 438 -13.74 2.04 -19.72
N CYS A 439 -13.50 2.06 -18.41
CA CYS A 439 -13.44 3.30 -17.65
C CYS A 439 -12.05 3.90 -17.57
N ILE A 440 -11.03 3.19 -18.06
CA ILE A 440 -9.67 3.71 -18.01
C ILE A 440 -9.42 4.57 -19.24
N ARG A 441 -8.79 5.72 -19.02
CA ARG A 441 -8.20 6.50 -20.11
C ARG A 441 -6.70 6.48 -19.88
N GLU A 442 -5.97 5.85 -20.78
CA GLU A 442 -4.60 5.45 -20.55
C GLU A 442 -3.68 6.30 -21.42
N PHE A 443 -2.70 6.91 -20.80
CA PHE A 443 -1.83 7.73 -21.57
C PHE A 443 -0.72 6.81 -21.96
N GLU A 444 -0.78 6.34 -23.18
CA GLU A 444 0.23 5.43 -23.63
C GLU A 444 1.56 6.08 -23.36
N PRO A 445 2.57 5.27 -23.01
CA PRO A 445 3.90 5.86 -22.85
C PRO A 445 4.31 6.47 -24.17
N ASN A 446 5.41 7.21 -24.19
CA ASN A 446 5.82 7.89 -25.40
C ASN A 446 4.62 8.57 -26.05
N ASP A 447 3.90 9.37 -25.28
CA ASP A 447 2.71 10.05 -25.80
C ASP A 447 2.90 11.56 -25.84
N ASP A 448 3.35 12.09 -26.98
CA ASP A 448 3.49 13.52 -27.12
C ASP A 448 2.12 14.17 -27.09
N GLY A 449 2.07 15.44 -26.71
CA GLY A 449 0.78 16.10 -26.60
C GLY A 449 -0.03 16.13 -27.88
N ASP A 450 0.53 15.68 -29.00
CA ASP A 450 -0.19 15.69 -30.27
C ASP A 450 -1.18 14.54 -30.39
N GLN A 451 -1.27 13.66 -29.41
CA GLN A 451 -2.22 12.56 -29.45
C GLN A 451 -3.64 13.09 -29.50
N SER A 452 -4.45 12.55 -30.40
CA SER A 452 -5.79 13.09 -30.64
C SER A 452 -6.82 12.58 -29.64
N PHE A 453 -6.67 11.36 -29.14
CA PHE A 453 -7.76 10.74 -28.40
C PHE A 453 -7.21 9.68 -27.46
N LEU A 454 -7.61 9.74 -26.20
CA LEU A 454 -7.29 8.71 -25.22
C LEU A 454 -8.29 7.57 -25.32
N ASP A 455 -7.82 6.35 -25.09
CA ASP A 455 -8.67 5.18 -25.29
C ASP A 455 -8.35 4.12 -24.24
N SER A 456 -9.26 3.17 -24.11
CA SER A 456 -9.17 2.12 -23.11
C SER A 456 -8.04 1.15 -23.45
N PRO A 457 -7.51 0.45 -22.45
CA PRO A 457 -6.47 -0.55 -22.71
C PRO A 457 -7.07 -1.89 -23.15
N ASP A 458 -6.22 -2.79 -23.62
CA ASP A 458 -6.72 -4.08 -24.10
C ASP A 458 -7.12 -5.00 -22.97
N MET A 459 -6.22 -5.19 -22.01
CA MET A 459 -6.49 -6.12 -20.90
C MET A 459 -7.65 -5.71 -20.01
N GLN A 460 -8.58 -6.62 -19.78
CA GLN A 460 -9.67 -6.33 -18.84
C GLN A 460 -9.04 -6.30 -17.48
N THR A 461 -9.22 -5.22 -16.74
CA THR A 461 -8.52 -5.10 -15.46
C THR A 461 -9.34 -5.61 -14.28
N LYS A 462 -10.67 -5.53 -14.37
CA LYS A 462 -11.52 -5.86 -13.23
C LYS A 462 -11.36 -7.32 -12.85
N GLY A 463 -10.82 -7.56 -11.66
CA GLY A 463 -10.65 -8.90 -11.14
C GLY A 463 -9.41 -9.62 -11.61
N SER A 464 -8.58 -8.99 -12.42
CA SER A 464 -7.40 -9.66 -12.96
C SER A 464 -6.26 -9.67 -11.94
N GLU A 465 -5.22 -10.44 -12.28
CA GLU A 465 -4.05 -10.54 -11.41
C GLU A 465 -3.34 -9.20 -11.31
N ASN A 466 -2.79 -8.93 -10.13
CA ASN A 466 -2.08 -7.66 -9.91
C ASN A 466 -0.83 -7.59 -10.78
N ALA A 467 -0.08 -8.70 -10.87
CA ALA A 467 1.14 -8.70 -11.65
C ALA A 467 0.85 -8.47 -13.14
N GLN A 468 -0.25 -9.04 -13.64
CA GLN A 468 -0.61 -8.82 -15.03
C GLN A 468 -0.97 -7.35 -15.28
N ILE A 469 -1.66 -6.73 -14.33
CA ILE A 469 -1.95 -5.30 -14.43
C ILE A 469 -0.64 -4.50 -14.48
N LEU A 470 0.30 -4.85 -13.60
CA LEU A 470 1.61 -4.21 -13.61
C LEU A 470 2.28 -4.34 -14.97
N GLU A 471 2.26 -5.55 -15.52
CA GLU A 471 3.05 -5.85 -16.72
C GLU A 471 2.44 -5.19 -17.95
N GLN A 472 1.12 -5.27 -18.11
CA GLN A 472 0.52 -4.90 -19.39
C GLN A 472 -0.30 -3.61 -19.37
N VAL A 473 -0.75 -3.16 -18.20
CA VAL A 473 -1.50 -1.91 -18.15
C VAL A 473 -0.60 -0.72 -17.84
N MET A 474 0.48 -0.91 -17.10
CA MET A 474 1.42 0.16 -16.80
C MET A 474 2.82 -0.08 -17.36
N ASN A 475 3.04 -1.19 -18.06
CA ASN A 475 4.26 -1.43 -18.82
C ASN A 475 5.51 -1.42 -17.93
N VAL A 476 5.41 -2.00 -16.75
CA VAL A 476 6.56 -2.19 -15.87
C VAL A 476 6.52 -3.60 -15.31
N HIS A 477 7.70 -4.18 -15.07
CA HIS A 477 7.80 -5.58 -14.73
C HIS A 477 7.28 -5.85 -13.32
N SER A 478 6.97 -7.12 -13.05
CA SER A 478 6.55 -7.51 -11.70
C SER A 478 7.73 -7.54 -10.74
N THR A 479 8.94 -7.75 -11.25
CA THR A 479 10.14 -7.68 -10.43
C THR A 479 10.93 -6.43 -10.78
N PRO A 480 11.46 -5.71 -9.80
CA PRO A 480 12.22 -4.49 -10.10
C PRO A 480 13.51 -4.83 -10.81
N PRO A 481 13.73 -4.27 -12.01
CA PRO A 481 14.98 -4.52 -12.73
C PRO A 481 16.16 -3.75 -12.19
N GLY A 482 15.96 -2.90 -11.18
CA GLY A 482 17.07 -2.12 -10.67
C GLY A 482 18.06 -2.95 -9.88
N ILE A 483 17.62 -4.05 -9.28
CA ILE A 483 18.48 -4.89 -8.46
C ILE A 483 18.29 -6.35 -8.85
N ALA A 484 19.35 -7.14 -8.73
CA ALA A 484 19.31 -8.56 -9.01
C ALA A 484 19.55 -9.43 -7.79
N GLU A 485 20.27 -8.92 -6.78
CA GLU A 485 20.78 -9.68 -5.65
C GLU A 485 21.83 -10.72 -6.09
N SER A 486 22.53 -10.42 -7.19
CA SER A 486 23.62 -11.23 -7.73
C SER A 486 23.16 -12.60 -8.21
N HIS A 487 21.86 -12.77 -8.47
CA HIS A 487 21.36 -13.97 -9.11
C HIS A 487 20.05 -13.60 -9.78
N TRP A 488 19.47 -14.43 -10.58
CA TRP A 488 18.22 -14.11 -11.27
C TRP A 488 17.57 -15.36 -11.84
N LEU A 489 16.38 -15.63 -11.50
CA LEU A 489 15.65 -16.84 -11.89
C LEU A 489 15.57 -16.97 -13.39
N GLY A 490 15.40 -15.85 -14.10
CA GLY A 490 15.39 -15.90 -15.55
C GLY A 490 16.69 -16.41 -16.13
N ASN A 491 17.81 -16.02 -15.52
CA ASN A 491 19.10 -16.55 -15.95
C ASN A 491 19.17 -18.05 -15.75
N PHE A 492 18.65 -18.54 -14.62
CA PHE A 492 18.63 -19.97 -14.38
C PHE A 492 17.79 -20.70 -15.41
N GLU A 493 16.62 -20.15 -15.74
CA GLU A 493 15.76 -20.76 -16.75
C GLU A 493 16.46 -20.79 -18.11
N LEU A 494 17.11 -19.67 -18.48
CA LEU A 494 17.80 -19.61 -19.76
C LEU A 494 18.93 -20.64 -19.82
N LEU A 495 19.72 -20.73 -18.76
CA LEU A 495 20.81 -21.72 -18.74
C LEU A 495 20.26 -23.15 -18.76
N LEU A 496 19.18 -23.39 -18.03
CA LEU A 496 18.61 -24.73 -17.95
C LEU A 496 18.07 -25.18 -19.30
N LEU A 497 17.39 -24.28 -20.01
CA LEU A 497 16.86 -24.64 -21.32
C LEU A 497 17.96 -24.68 -22.36
N ASP A 498 19.05 -23.92 -22.17
CA ASP A 498 20.19 -24.01 -23.08
C ASP A 498 20.88 -25.36 -22.95
N ASN A 499 21.08 -25.82 -21.71
CA ASN A 499 21.70 -27.12 -21.47
C ASN A 499 20.70 -28.26 -21.54
N SER A 500 19.40 -27.96 -21.57
CA SER A 500 18.32 -28.95 -21.57
C SER A 500 18.37 -29.83 -20.33
N GLY A 501 18.84 -29.28 -19.22
CA GLY A 501 18.94 -30.01 -17.97
C GLY A 501 20.13 -30.96 -17.94
N SER A 507 26.70 -29.95 -15.02
CA SER A 507 25.63 -29.02 -14.65
C SER A 507 26.03 -28.17 -13.46
N GLN A 508 27.32 -27.83 -13.39
CA GLN A 508 27.84 -27.17 -12.20
C GLN A 508 27.43 -25.70 -12.12
N VAL A 509 27.41 -24.99 -13.26
CA VAL A 509 27.09 -23.57 -13.22
C VAL A 509 25.63 -23.34 -12.89
N LEU A 510 24.74 -24.20 -13.39
CA LEU A 510 23.32 -24.07 -13.10
C LEU A 510 23.04 -24.40 -11.63
N TYR A 511 23.72 -25.40 -11.09
CA TYR A 511 23.55 -25.71 -9.68
C TYR A 511 24.14 -24.63 -8.80
N ASP A 512 25.22 -23.98 -9.27
CA ASP A 512 25.74 -22.81 -8.56
C ASP A 512 24.71 -21.68 -8.56
N GLN A 513 24.05 -21.46 -9.69
CA GLN A 513 23.00 -20.44 -9.77
C GLN A 513 21.85 -20.76 -8.82
N ILE A 514 21.43 -22.03 -8.78
CA ILE A 514 20.32 -22.38 -7.90
C ILE A 514 20.77 -22.42 -6.44
N LYS A 515 22.09 -22.47 -6.18
CA LYS A 515 22.53 -22.39 -4.79
C LYS A 515 22.67 -20.95 -4.31
N ALA A 516 22.51 -19.97 -5.19
CA ALA A 516 22.57 -18.56 -4.78
C ALA A 516 21.30 -18.24 -4.01
N HIS A 517 21.44 -18.07 -2.69
CA HIS A 517 20.30 -17.73 -1.80
C HIS A 517 19.18 -18.74 -1.81
N PHE A 518 19.05 -19.50 -2.90
CA PHE A 518 17.94 -20.42 -3.01
C PHE A 518 18.15 -21.60 -2.06
N GLY A 519 17.65 -22.77 -2.43
CA GLY A 519 17.74 -23.91 -1.53
C GLY A 519 16.81 -23.67 -0.37
N ILE A 520 15.83 -22.79 -0.57
CA ILE A 520 14.88 -22.47 0.49
C ILE A 520 13.46 -22.53 -0.05
N ASP A 521 12.48 -22.56 0.85
CA ASP A 521 11.08 -22.67 0.43
C ASP A 521 10.69 -21.55 -0.54
N SER A 522 11.43 -20.45 -0.52
CA SER A 522 11.15 -19.33 -1.40
C SER A 522 10.68 -19.76 -2.78
N ILE A 523 9.64 -19.09 -3.30
CA ILE A 523 9.12 -19.42 -4.62
C ILE A 523 10.23 -19.48 -5.65
N GLU A 524 11.29 -18.69 -5.44
CA GLU A 524 12.43 -18.67 -6.35
C GLU A 524 13.06 -20.05 -6.51
N LEU A 525 12.91 -20.91 -5.50
CA LEU A 525 13.38 -22.29 -5.60
C LEU A 525 12.28 -23.23 -6.08
N LYS A 526 11.02 -22.96 -5.69
CA LYS A 526 9.92 -23.83 -6.07
C LYS A 526 9.71 -23.85 -7.58
N LYS A 527 9.97 -22.73 -8.26
CA LYS A 527 9.85 -22.77 -9.72
C LYS A 527 11.08 -23.41 -10.36
N ALA A 528 12.26 -23.18 -9.78
CA ALA A 528 13.49 -23.71 -10.34
C ALA A 528 13.51 -25.23 -10.31
N ASP A 529 13.09 -25.83 -9.19
CA ASP A 529 13.09 -27.29 -9.09
C ASP A 529 12.10 -27.91 -10.07
N SER A 530 10.93 -27.27 -10.24
CA SER A 530 9.96 -27.76 -11.21
C SER A 530 10.52 -27.73 -12.62
N LEU A 531 11.25 -26.67 -12.95
CA LEU A 531 11.84 -26.63 -14.29
C LEU A 531 12.95 -27.65 -14.46
N ILE A 532 13.71 -27.93 -13.40
CA ILE A 532 14.69 -29.01 -13.47
C ILE A 532 14.01 -30.35 -13.75
N ARG A 533 12.89 -30.58 -13.05
CA ARG A 533 12.13 -31.81 -13.26
C ARG A 533 11.62 -31.90 -14.70
N ILE A 534 11.10 -30.80 -15.23
CA ILE A 534 10.56 -30.83 -16.59
C ILE A 534 11.67 -31.05 -17.62
N ASN A 535 12.86 -30.51 -17.36
CA ASN A 535 13.96 -30.71 -18.30
C ASN A 535 14.43 -32.16 -18.29
N LYS A 536 14.62 -32.74 -17.10
CA LYS A 536 15.02 -34.14 -17.02
C LYS A 536 13.97 -35.06 -17.64
N MET A 537 12.69 -34.74 -17.40
CA MET A 537 11.61 -35.55 -17.95
C MET A 537 11.56 -35.47 -19.47
N LYS A 538 11.76 -34.28 -20.03
CA LYS A 538 11.81 -34.16 -21.49
C LYS A 538 12.99 -34.93 -22.06
N ASN A 539 14.11 -34.93 -21.34
CA ASN A 539 15.24 -35.74 -21.78
C ASN A 539 14.90 -37.22 -21.78
N LYS A 540 14.17 -37.68 -20.76
CA LYS A 540 13.76 -39.08 -20.72
C LYS A 540 12.80 -39.41 -21.86
N LEU A 541 11.88 -38.48 -22.18
CA LEU A 541 11.00 -38.67 -23.33
C LEU A 541 11.79 -38.81 -24.62
N ASN A 542 12.80 -37.95 -24.80
CA ASN A 542 13.65 -38.02 -25.98
C ASN A 542 14.41 -39.34 -26.04
N LYS A 543 14.88 -39.83 -24.87
CA LYS A 543 15.57 -41.11 -24.84
C LYS A 543 14.66 -42.26 -25.23
N ILE A 544 13.42 -42.25 -24.74
CA ILE A 544 12.50 -43.33 -25.07
C ILE A 544 12.10 -43.28 -26.54
N ARG A 545 11.91 -42.06 -27.08
CA ARG A 545 11.50 -41.93 -28.47
C ARG A 545 12.58 -42.46 -29.42
N ALA A 546 13.84 -42.22 -29.11
CA ALA A 546 14.94 -42.67 -29.95
C ALA A 546 15.03 -44.21 -29.97
N LEU B 14 35.38 10.77 25.16
CA LEU B 14 35.18 12.07 24.53
C LEU B 14 34.75 13.11 25.57
N LEU B 15 33.84 12.72 26.45
CA LEU B 15 33.38 13.64 27.49
C LEU B 15 34.53 14.05 28.41
N SER B 16 35.37 13.09 28.79
CA SER B 16 36.54 13.40 29.60
C SER B 16 37.50 14.31 28.84
N ALA B 17 37.69 14.05 27.55
CA ALA B 17 38.54 14.93 26.74
C ALA B 17 37.93 16.31 26.61
N PHE B 18 36.60 16.40 26.52
CA PHE B 18 35.94 17.71 26.48
C PHE B 18 36.14 18.46 27.78
N GLU B 19 36.06 17.77 28.92
CA GLU B 19 36.40 18.39 30.19
C GLU B 19 37.87 18.79 30.23
N LEU B 20 38.74 17.96 29.67
CA LEU B 20 40.15 18.26 29.57
C LEU B 20 40.37 19.31 28.47
N GLU B 41 43.41 19.34 18.93
CA GLU B 41 43.01 18.01 18.48
C GLU B 41 42.02 17.39 19.46
N MET B 42 41.78 18.08 20.57
CA MET B 42 40.87 17.59 21.60
C MET B 42 39.44 17.66 21.09
N CYS B 43 38.83 16.50 20.89
CA CYS B 43 37.43 16.29 20.51
C CYS B 43 37.11 16.75 19.09
N ARG B 44 38.07 17.33 18.37
CA ARG B 44 37.83 17.72 16.98
C ARG B 44 38.08 16.53 16.05
N ASP B 45 39.19 15.82 16.25
CA ASP B 45 39.46 14.64 15.44
C ASP B 45 38.46 13.54 15.68
N TYR B 46 37.83 13.51 16.87
CA TYR B 46 36.82 12.49 17.13
C TYR B 46 35.63 12.64 16.20
N ILE B 47 35.20 13.89 15.94
CA ILE B 47 34.07 14.10 15.05
C ILE B 47 34.53 14.14 13.60
N GLN B 48 35.77 14.53 13.34
CA GLN B 48 36.21 14.79 11.98
C GLN B 48 36.84 13.59 11.29
N ASP B 49 37.39 12.64 12.04
CA ASP B 49 38.10 11.52 11.43
C ASP B 49 37.14 10.61 10.68
N GLY B 50 37.66 9.99 9.63
CA GLY B 50 36.90 9.07 8.80
C GLY B 50 37.77 8.49 7.73
N HIS B 51 37.16 7.65 6.89
CA HIS B 51 37.88 6.98 5.82
C HIS B 51 36.98 6.84 4.61
N VAL B 52 37.60 6.61 3.45
CA VAL B 52 36.90 6.51 2.18
C VAL B 52 36.93 5.04 1.74
N ASP B 53 35.76 4.51 1.40
CA ASP B 53 35.66 3.15 0.91
C ASP B 53 36.31 3.00 -0.46
N GLU B 54 36.51 1.74 -0.86
CA GLU B 54 36.93 1.47 -2.23
C GLU B 54 35.86 1.90 -3.23
N SER B 55 34.61 1.97 -2.79
CA SER B 55 33.52 2.49 -3.62
C SER B 55 33.57 4.01 -3.77
N GLY B 56 34.43 4.68 -3.02
CA GLY B 56 34.52 6.13 -3.07
C GLY B 56 33.65 6.85 -2.05
N ILE B 57 32.88 6.13 -1.25
CA ILE B 57 32.00 6.75 -0.27
C ILE B 57 32.78 6.97 1.02
N PHE B 58 32.77 8.22 1.51
CA PHE B 58 33.39 8.53 2.78
C PHE B 58 32.59 7.89 3.92
N ARG B 59 33.31 7.31 4.88
CA ARG B 59 32.71 6.71 6.06
C ARG B 59 33.32 7.36 7.29
N PRO B 60 32.52 7.98 8.16
CA PRO B 60 33.08 8.52 9.40
C PRO B 60 33.48 7.40 10.34
N ASP B 61 34.65 7.58 10.97
CA ASP B 61 35.13 6.55 11.89
C ASP B 61 34.20 6.39 13.08
N ASN B 62 33.72 7.51 13.63
CA ASN B 62 32.76 7.48 14.73
C ASN B 62 31.40 7.87 14.17
N ALA B 63 30.70 6.88 13.62
CA ALA B 63 29.42 7.12 13.00
C ALA B 63 28.37 7.52 14.03
N PHE B 64 27.46 8.38 13.62
CA PHE B 64 26.37 8.85 14.46
C PHE B 64 25.05 8.37 13.88
N TYR B 65 24.26 7.69 14.71
CA TYR B 65 22.92 7.27 14.32
C TYR B 65 22.16 6.86 15.57
N LEU B 66 20.84 6.72 15.42
CA LEU B 66 20.00 6.25 16.51
C LEU B 66 19.97 4.73 16.51
N ARG B 67 20.17 4.15 17.70
CA ARG B 67 20.17 2.70 17.86
C ARG B 67 18.86 2.17 18.41
N ARG B 68 18.44 2.64 19.59
CA ARG B 68 17.29 2.10 20.28
C ARG B 68 16.32 3.22 20.62
N LEU B 69 15.04 2.99 20.38
CA LEU B 69 14.00 3.97 20.61
C LEU B 69 12.90 3.31 21.43
N THR B 70 12.49 3.97 22.51
CA THR B 70 11.54 3.40 23.46
C THR B 70 10.47 4.43 23.79
N LEU B 71 9.22 4.00 23.85
CA LEU B 71 8.11 4.89 24.15
C LEU B 71 7.32 4.32 25.31
N LYS B 72 6.82 5.19 26.19
CA LYS B 72 5.98 4.75 27.28
C LYS B 72 4.75 5.63 27.36
N ASP B 73 3.56 5.00 27.34
CA ASP B 73 2.27 5.70 27.42
C ASP B 73 2.15 6.79 26.38
N PHE B 74 2.66 6.52 25.18
CA PHE B 74 2.71 7.49 24.10
C PHE B 74 1.69 7.09 23.05
N ARG B 75 0.68 7.93 22.86
CA ARG B 75 -0.33 7.71 21.82
C ARG B 75 -0.97 6.34 21.92
N ARG B 76 -0.75 5.49 20.91
CA ARG B 76 -1.34 4.16 20.86
C ARG B 76 -0.53 3.11 21.62
N PHE B 77 0.62 3.48 22.18
CA PHE B 77 1.54 2.50 22.75
C PHE B 77 1.52 2.57 24.27
N SER B 78 1.44 1.39 24.90
CA SER B 78 1.75 1.28 26.33
C SER B 78 3.25 1.24 26.55
N LEU B 79 3.95 0.44 25.74
CA LEU B 79 5.40 0.35 25.78
C LEU B 79 5.83 -0.30 24.46
N LEU B 80 6.87 0.25 23.84
CA LEU B 80 7.30 -0.26 22.56
C LEU B 80 8.76 0.09 22.35
N GLU B 81 9.54 -0.87 21.87
CA GLU B 81 10.97 -0.70 21.64
C GLU B 81 11.29 -1.07 20.20
N ILE B 82 12.07 -0.23 19.54
CA ILE B 82 12.44 -0.43 18.14
C ILE B 82 13.95 -0.41 18.04
N LYS B 83 14.50 -1.34 17.27
CA LYS B 83 15.93 -1.36 16.96
C LYS B 83 16.12 -0.94 15.51
N LEU B 84 17.00 0.03 15.28
CA LEU B 84 17.23 0.58 13.96
C LEU B 84 18.58 0.14 13.41
N GLU B 85 18.62 -0.01 12.09
CA GLU B 85 19.90 -0.20 11.42
C GLU B 85 20.57 1.16 11.21
N GLU B 86 21.87 1.13 10.97
CA GLU B 86 22.60 2.36 10.66
C GLU B 86 22.56 2.70 9.18
N ASP B 87 21.95 1.87 8.35
CA ASP B 87 21.84 2.12 6.92
C ASP B 87 20.44 2.50 6.48
N LEU B 88 19.42 1.81 6.98
CA LEU B 88 18.07 1.98 6.49
C LEU B 88 17.10 1.44 7.53
N THR B 89 15.90 2.01 7.58
CA THR B 89 14.80 1.40 8.33
C THR B 89 13.49 1.76 7.65
N VAL B 90 12.70 0.76 7.29
CA VAL B 90 11.37 0.95 6.72
C VAL B 90 10.36 0.49 7.75
N ILE B 91 9.38 1.33 8.03
CA ILE B 91 8.31 1.03 8.98
C ILE B 91 7.02 0.95 8.20
N ILE B 92 6.36 -0.22 8.26
CA ILE B 92 5.16 -0.49 7.47
C ILE B 92 4.06 -1.00 8.39
N GLY B 93 2.84 -0.93 7.89
CA GLY B 93 1.69 -1.41 8.61
C GLY B 93 0.41 -0.88 8.00
N ASN B 94 -0.70 -1.25 8.63
CA ASN B 94 -2.01 -0.75 8.22
C ASN B 94 -2.15 0.71 8.61
N ASN B 95 -3.31 1.29 8.28
CA ASN B 95 -3.58 2.67 8.66
C ASN B 95 -3.59 2.83 10.17
N GLY B 96 -3.07 3.98 10.62
CA GLY B 96 -2.80 4.13 12.03
C GLY B 96 -1.46 3.50 12.36
N LYS B 97 -1.44 2.75 13.46
CA LYS B 97 -0.35 1.83 13.82
C LYS B 97 0.92 2.55 14.28
N GLY B 98 0.99 3.87 14.15
CA GLY B 98 2.11 4.60 14.71
C GLY B 98 3.31 4.85 13.82
N LYS B 99 3.22 4.51 12.56
CA LYS B 99 4.37 4.67 11.67
C LYS B 99 4.82 6.11 11.59
N ALA B 100 3.90 7.04 11.72
CA ALA B 100 4.29 8.43 11.72
C ALA B 100 4.68 8.79 13.12
N ALA B 101 3.89 8.38 14.09
CA ALA B 101 4.20 8.68 15.47
C ALA B 101 5.69 8.53 15.70
N ILE B 102 6.22 7.38 15.35
CA ILE B 102 7.65 7.15 15.58
C ILE B 102 8.47 8.31 15.05
N LEU B 103 8.17 8.75 13.83
CA LEU B 103 8.94 9.84 13.22
C LEU B 103 8.72 11.14 13.97
N TYR B 104 7.48 11.40 14.41
CA TYR B 104 7.20 12.59 15.19
C TYR B 104 7.97 12.60 16.51
N ALA B 105 8.00 11.46 17.20
CA ALA B 105 8.72 11.37 18.45
C ALA B 105 10.22 11.54 18.24
N ILE B 106 10.75 10.97 17.15
CA ILE B 106 12.17 11.12 16.84
C ILE B 106 12.49 12.58 16.56
N ALA B 107 11.64 13.25 15.79
CA ALA B 107 11.87 14.66 15.48
C ALA B 107 11.81 15.52 16.73
N LYS B 108 10.85 15.24 17.61
CA LYS B 108 10.77 15.96 18.88
C LYS B 108 12.03 15.75 19.71
N THR B 109 12.53 14.51 19.74
CA THR B 109 13.81 14.24 20.41
C THR B 109 14.95 14.98 19.71
N LEU B 110 14.93 15.01 18.38
CA LEU B 110 16.01 15.67 17.65
C LEU B 110 15.98 17.18 17.80
N SER B 111 14.85 17.76 18.20
CA SER B 111 14.77 19.21 18.35
C SER B 111 15.72 19.72 19.42
N TRP B 112 15.99 18.90 20.44
CA TRP B 112 16.89 19.32 21.50
C TRP B 112 18.34 19.34 21.01
N PHE B 113 18.68 18.52 20.02
CA PHE B 113 20.01 18.58 19.44
C PHE B 113 20.23 19.90 18.70
N VAL B 114 19.31 20.26 17.82
CA VAL B 114 19.52 21.43 16.96
C VAL B 114 19.46 22.71 17.78
N ALA B 115 18.57 22.76 18.78
CA ALA B 115 18.43 23.96 19.60
C ALA B 115 19.73 24.28 20.34
N ASN B 116 20.36 23.25 20.91
CA ASN B 116 21.61 23.48 21.63
C ASN B 116 22.82 23.52 20.71
N ILE B 117 22.70 23.04 19.47
CA ILE B 117 23.74 23.32 18.48
C ILE B 117 23.73 24.80 18.13
N LEU B 118 22.54 25.37 17.95
CA LEU B 118 22.45 26.78 17.57
C LEU B 118 22.93 27.70 18.70
N LYS B 119 22.44 27.46 19.92
CA LYS B 119 22.73 28.35 21.03
C LYS B 119 22.72 27.56 22.33
N GLU B 120 23.50 28.03 23.30
CA GLU B 120 23.50 27.41 24.62
C GLU B 120 22.13 27.54 25.28
N GLY B 121 21.66 26.46 25.86
CA GLY B 121 20.34 26.46 26.48
C GLY B 121 19.20 26.65 25.50
N GLY B 122 19.25 25.95 24.36
CA GLY B 122 18.22 26.13 23.34
C GLY B 122 16.85 25.68 23.78
N SER B 123 16.78 24.77 24.76
CA SER B 123 15.56 24.27 25.39
C SER B 123 14.69 23.43 24.46
N GLY B 124 15.09 23.24 23.20
CA GLY B 124 14.43 22.31 22.29
C GLY B 124 12.93 22.47 22.15
N GLN B 125 12.22 21.35 22.03
CA GLN B 125 10.77 21.33 21.96
C GLN B 125 10.23 20.31 22.95
N ARG B 126 9.07 20.62 23.52
CA ARG B 126 8.41 19.74 24.46
C ARG B 126 7.39 18.86 23.73
N LEU B 127 7.05 17.74 24.35
CA LEU B 127 5.97 16.93 23.82
C LEU B 127 4.64 17.65 24.02
N SER B 128 3.66 17.29 23.21
CA SER B 128 2.33 17.85 23.34
C SER B 128 1.68 17.29 24.59
N GLU B 129 1.37 18.18 25.55
CA GLU B 129 0.71 17.78 26.78
C GLU B 129 -0.69 17.23 26.54
N MET B 130 -1.29 17.52 25.38
CA MET B 130 -2.64 17.12 25.08
C MET B 130 -2.70 15.86 24.21
N THR B 131 -1.78 15.75 23.24
CA THR B 131 -1.90 14.73 22.21
C THR B 131 -0.87 13.60 22.32
N ASP B 132 0.24 13.81 23.03
CA ASP B 132 1.34 12.85 23.03
C ASP B 132 1.36 11.96 24.26
N ILE B 133 0.22 11.80 24.93
CA ILE B 133 0.10 10.87 26.04
C ILE B 133 -1.04 9.91 25.74
N LYS B 134 -0.81 8.62 25.98
CA LYS B 134 -1.82 7.59 25.78
C LYS B 134 -3.05 7.92 26.61
N ASN B 135 -4.23 7.97 25.97
CA ASN B 135 -5.44 8.43 26.66
C ASN B 135 -5.80 7.55 27.84
N ASP B 136 -5.64 6.24 27.70
CA ASP B 136 -5.86 5.31 28.79
C ASP B 136 -4.54 4.89 29.44
N ALA B 137 -4.09 5.70 30.40
CA ALA B 137 -2.85 5.43 31.11
C ALA B 137 -2.97 6.00 32.52
N GLU B 138 -2.91 5.13 33.53
CA GLU B 138 -3.05 5.59 34.90
C GLU B 138 -1.86 6.43 35.36
N ASP B 139 -0.72 6.32 34.68
CA ASP B 139 0.42 7.18 35.00
C ASP B 139 0.14 8.64 34.68
N ARG B 140 -0.68 8.90 33.65
CA ARG B 140 -1.00 10.24 33.17
C ARG B 140 0.26 11.02 32.76
N TYR B 141 1.32 10.31 32.39
CA TYR B 141 2.53 10.95 31.91
C TYR B 141 3.20 10.00 30.92
N SER B 142 4.06 10.56 30.09
CA SER B 142 4.72 9.79 29.04
C SER B 142 6.20 10.10 29.02
N ASP B 143 6.97 9.14 28.53
CA ASP B 143 8.41 9.31 28.32
C ASP B 143 8.76 8.80 26.93
N VAL B 144 9.69 9.47 26.28
CA VAL B 144 10.25 9.02 25.01
C VAL B 144 11.74 8.82 25.24
N SER B 145 12.19 7.58 25.15
CA SER B 145 13.57 7.24 25.46
C SER B 145 14.31 6.87 24.18
N SER B 146 15.57 7.29 24.08
CA SER B 146 16.35 7.08 22.88
C SER B 146 17.81 6.89 23.27
N THR B 147 18.57 6.27 22.36
CA THR B 147 20.00 6.09 22.56
C THR B 147 20.69 6.33 21.23
N PHE B 148 21.63 7.27 21.21
CA PHE B 148 22.31 7.68 19.99
C PHE B 148 23.76 7.22 20.06
N PHE B 149 24.10 6.25 19.24
CA PHE B 149 25.49 5.81 19.15
C PHE B 149 26.32 6.88 18.45
N PHE B 150 27.46 7.23 19.05
CA PHE B 150 28.33 8.26 18.50
C PHE B 150 29.78 7.77 18.52
N GLY B 151 30.00 6.56 18.03
CA GLY B 151 31.35 6.04 17.90
C GLY B 151 31.78 5.19 19.07
N LYS B 152 33.06 4.80 19.02
CA LYS B 152 33.63 3.96 20.06
C LYS B 152 33.79 4.69 21.39
N GLY B 153 33.69 6.01 21.40
CA GLY B 153 33.69 6.76 22.65
C GLY B 153 32.34 6.79 23.31
N LEU B 154 31.35 7.37 22.63
CA LEU B 154 30.00 7.48 23.16
C LEU B 154 29.17 6.31 22.64
N LYS B 155 29.33 5.16 23.31
CA LYS B 155 28.54 3.99 22.96
C LYS B 155 27.06 4.19 23.24
N SER B 156 26.71 5.12 24.12
CA SER B 156 25.32 5.36 24.47
C SER B 156 25.15 6.80 24.91
N VAL B 157 24.27 7.51 24.23
CA VAL B 157 23.90 8.87 24.62
C VAL B 157 22.42 8.84 24.96
N PRO B 158 22.06 8.45 26.17
CA PRO B 158 20.64 8.29 26.50
C PRO B 158 19.92 9.62 26.57
N ILE B 159 18.68 9.63 26.09
CA ILE B 159 17.83 10.81 26.13
C ILE B 159 16.45 10.37 26.58
N ARG B 160 15.77 11.23 27.34
CA ARG B 160 14.40 10.91 27.74
C ARG B 160 13.61 12.22 27.76
N LEU B 161 12.85 12.46 26.70
CA LEU B 161 11.88 13.53 26.70
C LEU B 161 10.60 13.07 27.38
N SER B 162 9.89 14.00 28.00
CA SER B 162 8.73 13.62 28.78
C SER B 162 7.78 14.80 28.91
N ARG B 163 6.55 14.49 29.31
CA ARG B 163 5.55 15.49 29.61
C ARG B 163 4.57 14.90 30.60
N SER B 164 3.85 15.77 31.30
CA SER B 164 2.88 15.37 32.31
C SER B 164 1.58 16.13 32.09
N ALA B 165 0.47 15.49 32.43
CA ALA B 165 -0.85 16.08 32.27
C ALA B 165 -1.04 17.27 33.20
N ARG B 171 4.72 15.78 38.65
CA ARG B 171 5.66 16.47 37.78
C ARG B 171 6.68 15.52 37.17
N ARG B 172 6.84 15.61 35.86
CA ARG B 172 7.78 14.78 35.12
C ARG B 172 8.71 15.68 34.32
N ASP B 173 10.00 15.37 34.37
CA ASP B 173 11.03 16.17 33.70
C ASP B 173 11.78 15.31 32.69
N SER B 174 12.73 15.93 32.00
CA SER B 174 13.43 15.30 30.90
C SER B 174 14.91 15.16 31.22
N GLU B 175 15.48 14.01 30.88
CA GLU B 175 16.91 13.75 31.09
C GLU B 175 17.70 14.14 29.85
N VAL B 176 17.51 15.40 29.44
CA VAL B 176 18.16 15.92 28.23
C VAL B 176 19.58 16.39 28.48
N LYS B 177 20.12 16.16 29.69
CA LYS B 177 21.44 16.69 30.03
C LYS B 177 22.56 16.14 29.15
N PRO B 178 22.70 14.81 28.92
CA PRO B 178 23.74 14.37 28.00
C PRO B 178 23.53 14.83 26.57
N ALA B 179 22.28 14.97 26.13
CA ALA B 179 22.01 15.54 24.82
C ALA B 179 22.52 16.97 24.74
N LYS B 180 22.25 17.75 25.79
CA LYS B 180 22.80 19.10 25.87
C LYS B 180 24.32 19.08 25.84
N ASP B 181 24.93 18.12 26.54
CA ASP B 181 26.38 18.04 26.59
C ASP B 181 26.96 17.78 25.21
N LEU B 182 26.41 16.79 24.50
CA LEU B 182 26.93 16.47 23.17
C LEU B 182 26.73 17.62 22.20
N ALA B 183 25.55 18.26 22.25
CA ALA B 183 25.31 19.40 21.37
C ALA B 183 26.23 20.57 21.72
N ASP B 184 26.55 20.73 23.00
CA ASP B 184 27.48 21.77 23.41
C ASP B 184 28.89 21.49 22.91
N ILE B 185 29.30 20.22 22.93
CA ILE B 185 30.59 19.86 22.33
C ILE B 185 30.59 20.24 20.87
N TRP B 186 29.52 19.88 20.15
CA TRP B 186 29.43 20.25 18.73
C TRP B 186 29.54 21.76 18.54
N ARG B 187 28.74 22.52 19.29
CA ARG B 187 28.69 23.97 19.10
C ARG B 187 30.04 24.62 19.42
N VAL B 188 30.62 24.29 20.57
CA VAL B 188 31.87 24.91 21.00
C VAL B 188 33.00 24.54 20.06
N ILE B 189 33.10 23.25 19.72
CA ILE B 189 34.17 22.81 18.82
C ILE B 189 34.04 23.48 17.47
N ASN B 190 32.82 23.58 16.94
CA ASN B 190 32.62 24.27 15.68
C ASN B 190 33.00 25.74 15.80
N GLU B 191 32.70 26.36 16.95
CA GLU B 191 33.01 27.76 17.14
C GLU B 191 34.51 28.02 17.14
N VAL B 192 35.29 27.18 17.81
CA VAL B 192 36.74 27.36 17.76
C VAL B 192 37.28 26.98 16.39
N ASN B 193 36.77 25.89 15.81
CA ASN B 193 37.18 25.49 14.46
C ASN B 193 36.06 24.68 13.84
N THR B 194 35.58 25.12 12.68
CA THR B 194 34.33 24.61 12.11
C THR B 194 34.40 23.11 11.85
N ILE B 195 33.27 22.43 12.09
CA ILE B 195 33.15 20.99 11.90
C ILE B 195 31.85 20.70 11.16
N ASN B 196 31.82 19.54 10.52
CA ASN B 196 30.66 19.12 9.72
C ASN B 196 29.56 18.69 10.66
N LEU B 197 28.63 19.59 10.93
CA LEU B 197 27.56 19.33 11.89
C LEU B 197 26.59 18.29 11.35
N PRO B 198 25.87 17.59 12.22
CA PRO B 198 24.89 16.61 11.76
C PRO B 198 23.64 17.25 11.16
N THR B 199 23.03 16.52 10.23
CA THR B 199 21.84 16.98 9.53
C THR B 199 20.61 16.31 10.11
N PHE B 200 19.54 17.08 10.27
CA PHE B 200 18.28 16.53 10.78
C PHE B 200 17.14 17.12 9.98
N ALA B 201 16.22 16.26 9.55
CA ALA B 201 15.13 16.70 8.71
C ALA B 201 13.94 15.77 8.88
N LEU B 202 12.74 16.33 8.73
CA LEU B 202 11.49 15.58 8.76
C LEU B 202 10.65 16.03 7.58
N TYR B 203 10.48 15.16 6.58
CA TYR B 203 9.71 15.48 5.40
C TYR B 203 8.36 14.79 5.54
N ASN B 204 7.40 15.52 6.09
CA ASN B 204 6.09 15.00 6.43
C ASN B 204 5.14 15.18 5.24
N VAL B 205 3.84 15.00 5.50
CA VAL B 205 2.81 15.25 4.49
C VAL B 205 2.82 16.70 4.03
N GLU B 206 3.26 17.61 4.90
CA GLU B 206 3.27 19.04 4.61
C GLU B 206 4.20 19.42 3.47
N ARG B 207 4.92 18.44 2.92
CA ARG B 207 5.82 18.68 1.81
C ARG B 207 5.11 19.19 0.57
N SER B 208 3.79 18.99 0.48
CA SER B 208 3.01 19.40 -0.68
C SER B 208 1.80 20.19 -0.21
N GLN B 209 1.88 21.51 -0.32
CA GLN B 209 0.76 22.39 0.02
C GLN B 209 0.64 23.53 -0.96
N ARG B 221 18.31 34.67 7.04
CA ARG B 221 19.00 35.46 6.02
C ARG B 221 19.33 34.60 4.83
N ARG B 222 19.13 33.28 4.98
CA ARG B 222 19.22 32.29 3.91
C ARG B 222 20.60 32.26 3.26
N GLU B 223 21.63 32.74 3.96
CA GLU B 223 22.99 32.67 3.47
C GLU B 223 23.99 32.23 4.53
N GLU B 224 23.55 32.05 5.78
CA GLU B 224 24.41 31.65 6.88
C GLU B 224 24.18 30.16 7.11
N ARG B 225 25.26 29.39 7.25
CA ARG B 225 25.14 27.94 7.29
C ARG B 225 24.27 27.45 8.44
N PHE B 226 24.14 28.24 9.51
CA PHE B 226 23.24 27.86 10.59
C PHE B 226 21.77 28.07 10.25
N ASP B 227 21.46 28.70 9.11
CA ASP B 227 20.07 28.77 8.68
C ASP B 227 19.55 27.43 8.21
N ALA B 228 20.44 26.44 8.02
CA ALA B 228 20.01 25.11 7.60
C ALA B 228 19.10 24.47 8.63
N TYR B 229 19.22 24.86 9.89
CA TYR B 229 18.36 24.31 10.94
C TYR B 229 17.04 25.06 11.07
N SER B 230 16.76 26.03 10.19
CA SER B 230 15.52 26.77 10.26
C SER B 230 14.35 25.87 9.89
N GLN B 231 13.39 25.77 10.82
CA GLN B 231 12.27 24.81 10.80
C GLN B 231 12.61 23.51 10.09
N THR B 232 13.74 22.89 10.45
CA THR B 232 14.13 21.65 9.80
C THR B 232 13.35 20.44 10.31
N LEU B 233 12.70 20.55 11.47
CA LEU B 233 11.76 19.53 11.93
C LEU B 233 10.31 19.95 11.75
N GLY B 234 10.06 20.98 10.94
CA GLY B 234 8.72 21.52 10.82
C GLY B 234 7.76 20.68 10.02
N GLY B 235 8.26 19.63 9.34
CA GLY B 235 7.42 18.76 8.55
C GLY B 235 7.45 19.04 7.07
N ALA B 236 8.09 20.13 6.64
CA ALA B 236 8.18 20.46 5.22
C ALA B 236 9.42 21.28 4.99
N GLY B 237 10.16 20.93 3.94
CA GLY B 237 11.34 21.70 3.58
C GLY B 237 10.95 23.08 3.09
N ARG B 238 11.74 24.09 3.48
CA ARG B 238 11.50 25.46 3.06
C ARG B 238 11.97 25.59 1.61
N PHE B 239 11.12 25.14 0.69
CA PHE B 239 11.46 25.17 -0.73
C PHE B 239 11.62 26.60 -1.24
N ASP B 240 10.84 27.54 -0.70
CA ASP B 240 11.02 28.94 -1.05
C ASP B 240 12.40 29.44 -0.64
N HIS B 241 12.87 29.03 0.54
CA HIS B 241 14.22 29.39 0.96
C HIS B 241 15.25 28.77 0.02
N PHE B 242 15.00 27.56 -0.48
CA PHE B 242 15.89 26.98 -1.47
C PHE B 242 15.89 27.80 -2.75
N VAL B 243 14.73 28.27 -3.18
CA VAL B 243 14.64 29.09 -4.38
C VAL B 243 15.45 30.37 -4.21
N GLU B 244 15.30 31.02 -3.06
CA GLU B 244 16.05 32.23 -2.77
C GLU B 244 17.55 31.95 -2.72
N TRP B 245 17.94 30.83 -2.11
CA TRP B 245 19.35 30.47 -2.03
C TRP B 245 19.94 30.22 -3.41
N TYR B 246 19.19 29.52 -4.27
CA TYR B 246 19.65 29.24 -5.62
C TYR B 246 19.77 30.53 -6.43
N ILE B 247 18.79 31.43 -6.30
CA ILE B 247 18.83 32.70 -7.02
C ILE B 247 20.02 33.52 -6.55
N TYR B 248 20.27 33.55 -5.24
CA TYR B 248 21.43 34.26 -4.72
C TYR B 248 22.72 33.64 -5.22
N LEU B 249 22.77 32.31 -5.31
CA LEU B 249 23.97 31.64 -5.81
C LEU B 249 24.26 32.02 -7.25
N HIS B 250 23.24 32.05 -8.10
CA HIS B 250 23.48 32.44 -9.49
C HIS B 250 23.83 33.91 -9.59
N LYS B 251 23.18 34.75 -8.78
CA LYS B 251 23.49 36.18 -8.78
C LYS B 251 24.93 36.43 -8.40
N ARG B 252 25.44 35.67 -7.43
CA ARG B 252 26.87 35.72 -7.10
C ARG B 252 27.69 35.18 -8.26
N THR B 253 27.18 34.17 -8.95
CA THR B 253 27.88 33.56 -10.08
C THR B 253 27.90 34.50 -11.29
N THR B 310 33.83 26.61 -3.04
CA THR B 310 33.26 27.85 -3.56
C THR B 310 31.74 27.77 -3.61
N GLU B 311 31.11 28.87 -4.00
CA GLU B 311 29.66 28.84 -4.19
C GLU B 311 29.28 28.12 -5.49
N SER B 312 30.20 28.11 -6.47
CA SER B 312 29.94 27.43 -7.73
C SER B 312 29.76 25.94 -7.52
N VAL B 313 30.61 25.32 -6.70
CA VAL B 313 30.45 23.90 -6.44
C VAL B 313 29.24 23.64 -5.55
N GLN B 314 28.88 24.60 -4.69
CA GLN B 314 27.64 24.48 -3.94
C GLN B 314 26.44 24.42 -4.87
N LYS B 315 26.47 25.23 -5.94
CA LYS B 315 25.43 25.18 -6.95
C LYS B 315 25.46 23.86 -7.72
N SER B 316 26.64 23.45 -8.16
CA SER B 316 26.76 22.28 -9.02
C SER B 316 26.39 20.99 -8.28
N ILE B 317 26.67 20.91 -6.98
CA ILE B 317 26.37 19.69 -6.23
C ILE B 317 24.87 19.48 -6.15
N VAL B 318 24.12 20.51 -5.78
CA VAL B 318 22.68 20.37 -5.71
C VAL B 318 22.09 20.15 -7.09
N GLU B 319 22.68 20.78 -8.12
CA GLU B 319 22.21 20.53 -9.49
C GLU B 319 22.39 19.07 -9.87
N LYS B 320 23.54 18.49 -9.55
CA LYS B 320 23.79 17.08 -9.84
C LYS B 320 22.83 16.19 -9.06
N ALA B 321 22.50 16.59 -7.82
CA ALA B 321 21.52 15.84 -7.04
C ALA B 321 20.17 15.80 -7.73
N ILE B 322 19.71 16.95 -8.23
CA ILE B 322 18.46 16.98 -9.00
C ILE B 322 18.56 16.10 -10.23
N CYS B 323 19.65 16.24 -10.99
CA CYS B 323 19.76 15.56 -12.27
C CYS B 323 19.80 14.06 -12.10
N SER B 324 20.48 13.57 -11.06
CA SER B 324 20.64 12.14 -10.87
C SER B 324 19.43 11.53 -10.17
N VAL B 325 18.91 12.18 -9.12
CA VAL B 325 17.93 11.50 -8.29
C VAL B 325 16.53 11.59 -8.91
N VAL B 326 16.13 12.79 -9.32
CA VAL B 326 14.80 12.96 -9.91
C VAL B 326 14.87 12.44 -11.34
N PRO B 327 14.00 11.49 -11.72
CA PRO B 327 14.15 10.88 -13.04
C PRO B 327 13.77 11.81 -14.19
N SER B 328 12.81 12.70 -13.98
CA SER B 328 12.30 13.51 -15.08
C SER B 328 13.22 14.67 -15.44
N ILE B 329 13.89 15.27 -14.45
CA ILE B 329 14.60 16.52 -14.65
C ILE B 329 15.93 16.21 -15.34
N SER B 330 16.03 16.55 -16.62
CA SER B 330 17.30 16.40 -17.32
C SER B 330 18.28 17.50 -16.97
N ASN B 331 17.79 18.72 -16.75
CA ASN B 331 18.65 19.85 -16.43
C ASN B 331 17.83 20.89 -15.68
N ILE B 332 18.52 21.74 -14.94
CA ILE B 332 17.90 22.80 -14.16
C ILE B 332 18.74 24.06 -14.26
N TRP B 333 18.08 25.20 -14.37
CA TRP B 333 18.75 26.50 -14.37
C TRP B 333 17.70 27.56 -14.04
N VAL B 334 18.10 28.83 -14.10
CA VAL B 334 17.24 29.94 -13.72
C VAL B 334 17.49 31.09 -14.68
N GLU B 335 16.46 31.91 -14.89
CA GLU B 335 16.50 33.04 -15.81
C GLU B 335 17.67 33.98 -15.53
N LEU B 342 13.43 33.63 -12.64
CA LEU B 342 12.73 32.46 -12.11
C LEU B 342 13.29 31.18 -12.69
N VAL B 343 13.11 30.07 -11.98
CA VAL B 343 13.81 28.83 -12.27
C VAL B 343 13.16 28.11 -13.44
N LYS B 344 13.97 27.62 -14.37
CA LYS B 344 13.50 26.85 -15.51
C LYS B 344 14.10 25.44 -15.45
N VAL B 345 13.32 24.47 -15.89
CA VAL B 345 13.71 23.06 -15.83
C VAL B 345 13.49 22.42 -17.18
N THR B 346 14.32 21.44 -17.51
CA THR B 346 14.12 20.61 -18.70
C THR B 346 13.36 19.38 -18.25
N ASN B 347 12.03 19.46 -18.28
CA ASN B 347 11.16 18.42 -17.77
C ASN B 347 10.48 17.69 -18.91
N ASP B 348 10.63 16.37 -18.92
CA ASP B 348 10.11 15.51 -20.00
C ASP B 348 10.60 15.95 -21.37
N GLY B 349 11.86 16.36 -21.45
CA GLY B 349 12.51 16.62 -22.72
C GLY B 349 12.37 18.02 -23.26
N HIS B 350 11.54 18.87 -22.65
CA HIS B 350 11.40 20.24 -23.12
C HIS B 350 11.33 21.18 -21.93
N ASP B 351 11.69 22.45 -22.18
CA ASP B 351 11.85 23.41 -21.11
C ASP B 351 10.51 23.74 -20.47
N VAL B 352 10.51 23.77 -19.13
CA VAL B 352 9.31 24.02 -18.34
C VAL B 352 9.71 24.96 -17.21
N THR B 353 8.77 25.76 -16.72
CA THR B 353 8.99 26.64 -15.59
C THR B 353 8.79 25.88 -14.29
N ILE B 354 9.39 26.39 -13.21
CA ILE B 354 9.40 25.67 -11.94
C ILE B 354 7.98 25.47 -11.42
N ASP B 355 7.15 26.51 -11.51
CA ASP B 355 5.78 26.40 -11.05
C ASP B 355 4.91 25.54 -11.96
N GLN B 356 5.39 25.25 -13.18
CA GLN B 356 4.66 24.41 -14.12
C GLN B 356 5.05 22.94 -14.01
N LEU B 357 5.91 22.58 -13.05
CA LEU B 357 6.28 21.19 -12.85
C LEU B 357 5.09 20.36 -12.39
N SER B 358 5.17 19.06 -12.67
CA SER B 358 4.10 18.16 -12.28
C SER B 358 4.04 18.01 -10.76
N ASP B 359 2.83 17.82 -10.27
CA ASP B 359 2.61 17.42 -8.88
C ASP B 359 3.35 16.11 -8.59
N GLY B 360 3.94 16.04 -7.41
CA GLY B 360 4.74 14.85 -7.11
C GLY B 360 6.10 14.88 -7.75
N GLN B 361 6.17 15.19 -9.04
CA GLN B 361 7.44 15.53 -9.65
C GLN B 361 8.04 16.74 -8.94
N ARG B 362 7.22 17.76 -8.69
CA ARG B 362 7.67 18.93 -7.95
C ARG B 362 7.90 18.60 -6.47
N VAL B 363 7.08 17.70 -5.91
CA VAL B 363 7.24 17.35 -4.51
C VAL B 363 8.55 16.59 -4.29
N PHE B 364 8.83 15.61 -5.15
CA PHE B 364 10.09 14.89 -5.09
C PHE B 364 11.25 15.84 -5.34
N LEU B 365 11.08 16.77 -6.28
CA LEU B 365 12.06 17.81 -6.53
C LEU B 365 12.33 18.63 -5.27
N SER B 366 11.27 19.02 -4.56
CA SER B 366 11.43 19.84 -3.36
C SER B 366 12.17 19.07 -2.29
N LEU B 367 11.81 17.80 -2.07
CA LEU B 367 12.53 16.98 -1.09
C LEU B 367 14.01 16.91 -1.42
N VAL B 368 14.35 16.53 -2.65
CA VAL B 368 15.75 16.33 -3.00
C VAL B 368 16.52 17.64 -2.91
N ALA B 369 15.95 18.72 -3.45
CA ALA B 369 16.64 20.01 -3.45
C ALA B 369 16.83 20.54 -2.04
N ASP B 370 15.79 20.47 -1.20
CA ASP B 370 15.90 20.97 0.16
C ASP B 370 16.93 20.19 0.96
N LEU B 371 16.90 18.86 0.85
CA LEU B 371 17.88 18.06 1.57
C LEU B 371 19.29 18.34 1.07
N ALA B 372 19.46 18.49 -0.24
CA ALA B 372 20.78 18.79 -0.79
C ALA B 372 21.29 20.13 -0.29
N ARG B 373 20.43 21.15 -0.28
CA ARG B 373 20.85 22.46 0.21
C ARG B 373 21.25 22.41 1.68
N ARG B 374 20.37 21.84 2.51
CA ARG B 374 20.63 21.77 3.94
C ARG B 374 21.93 21.04 4.22
N MET B 375 22.09 19.86 3.63
CA MET B 375 23.28 19.04 3.84
C MET B 375 24.54 19.69 3.26
N VAL B 376 24.43 20.41 2.13
CA VAL B 376 25.64 21.00 1.57
C VAL B 376 26.04 22.24 2.32
N MET B 377 25.10 22.89 3.00
CA MET B 377 25.47 24.01 3.86
C MET B 377 26.04 23.52 5.18
N LEU B 378 25.52 22.41 5.71
CA LEU B 378 25.97 21.93 7.01
C LEU B 378 27.33 21.25 6.96
N ASN B 379 27.80 20.83 5.79
CA ASN B 379 29.03 20.05 5.67
C ASN B 379 29.96 20.71 4.67
N PRO B 380 30.57 21.85 5.03
CA PRO B 380 31.43 22.56 4.06
C PRO B 380 32.77 21.90 3.82
N LEU B 381 33.27 21.08 4.74
CA LEU B 381 34.63 20.56 4.65
C LEU B 381 34.73 19.21 3.95
N LEU B 382 33.60 18.63 3.53
CA LEU B 382 33.65 17.36 2.82
C LEU B 382 34.11 17.56 1.38
N GLU B 383 34.96 16.65 0.90
CA GLU B 383 35.33 16.66 -0.51
C GLU B 383 34.12 16.41 -1.40
N ASN B 384 33.29 15.44 -1.02
CA ASN B 384 32.01 15.20 -1.66
C ASN B 384 30.96 15.37 -0.57
N PRO B 385 30.31 16.53 -0.52
CA PRO B 385 29.43 16.83 0.63
C PRO B 385 28.34 15.82 0.87
N LEU B 386 27.91 15.09 -0.17
CA LEU B 386 26.75 14.21 -0.05
C LEU B 386 26.93 13.13 1.01
N GLU B 387 28.17 12.85 1.41
CA GLU B 387 28.48 11.78 2.34
C GLU B 387 28.48 12.23 3.79
N GLY B 388 27.73 13.28 4.12
CA GLY B 388 27.73 13.79 5.47
C GLY B 388 26.88 13.00 6.43
N ARG B 389 27.13 13.20 7.72
CA ARG B 389 26.36 12.55 8.77
C ARG B 389 24.93 13.10 8.77
N GLY B 390 24.04 12.38 9.44
CA GLY B 390 22.72 12.93 9.69
C GLY B 390 21.67 11.85 9.81
N ILE B 391 20.50 12.26 10.29
CA ILE B 391 19.32 11.42 10.39
C ILE B 391 18.20 12.12 9.63
N VAL B 392 17.58 11.41 8.69
CA VAL B 392 16.51 11.95 7.87
C VAL B 392 15.27 11.08 8.02
N LEU B 393 14.14 11.70 8.29
CA LEU B 393 12.86 11.01 8.41
C LEU B 393 11.98 11.36 7.23
N ILE B 394 11.42 10.35 6.59
CA ILE B 394 10.52 10.53 5.45
C ILE B 394 9.24 9.77 5.71
N ASP B 395 8.10 10.44 5.51
CA ASP B 395 6.79 9.83 5.70
C ASP B 395 6.12 9.71 4.34
N GLU B 396 5.68 8.49 3.99
CA GLU B 396 5.13 8.19 2.66
C GLU B 396 6.13 8.54 1.56
N ILE B 397 7.23 7.79 1.53
CA ILE B 397 8.28 7.99 0.53
C ILE B 397 7.74 7.89 -0.88
N GLU B 398 6.66 7.13 -1.08
CA GLU B 398 6.11 6.87 -2.40
C GLU B 398 5.13 7.95 -2.85
N LEU B 399 5.01 9.05 -2.11
CA LEU B 399 3.94 10.03 -2.32
C LEU B 399 3.93 10.58 -3.73
N HIS B 400 2.78 10.45 -4.40
CA HIS B 400 2.53 10.94 -5.75
C HIS B 400 3.51 10.39 -6.77
N LEU B 401 4.08 9.21 -6.53
CA LEU B 401 5.04 8.63 -7.44
C LEU B 401 4.42 7.47 -8.20
N HIS B 402 4.63 7.44 -9.50
CA HIS B 402 4.21 6.31 -10.30
C HIS B 402 5.08 5.09 -9.95
N PRO B 403 4.52 3.87 -10.05
CA PRO B 403 5.31 2.67 -9.72
C PRO B 403 6.65 2.58 -10.44
N LYS B 404 6.70 3.09 -11.67
CA LYS B 404 7.97 3.15 -12.39
C LYS B 404 9.00 3.99 -11.65
N TRP B 405 8.55 4.99 -10.88
CA TRP B 405 9.43 5.72 -9.98
C TRP B 405 9.53 5.10 -8.60
N GLN B 406 8.51 4.35 -8.18
CA GLN B 406 8.57 3.70 -6.87
C GLN B 406 9.67 2.65 -6.84
N GLN B 407 9.84 1.92 -7.93
CA GLN B 407 10.90 0.92 -8.00
C GLN B 407 12.28 1.52 -8.24
N GLU B 408 12.41 2.85 -8.17
CA GLU B 408 13.71 3.51 -8.32
C GLU B 408 14.01 4.52 -7.22
N VAL B 409 13.01 4.96 -6.46
CA VAL B 409 13.19 6.12 -5.58
C VAL B 409 14.19 5.82 -4.48
N ILE B 410 14.07 4.67 -3.80
CA ILE B 410 14.95 4.40 -2.68
C ILE B 410 16.36 4.10 -3.17
N LEU B 411 16.48 3.35 -4.25
CA LEU B 411 17.79 3.03 -4.81
C LEU B 411 18.55 4.30 -5.17
N ASN B 412 17.90 5.20 -5.93
CA ASN B 412 18.57 6.43 -6.32
C ASN B 412 18.85 7.33 -5.12
N LEU B 413 17.89 7.42 -4.20
CA LEU B 413 18.02 8.30 -3.05
C LEU B 413 19.18 7.88 -2.17
N ARG B 414 19.36 6.57 -1.95
CA ARG B 414 20.47 6.10 -1.16
C ARG B 414 21.77 6.06 -1.94
N SER B 415 21.72 5.98 -3.27
CA SER B 415 22.94 6.13 -4.03
C SER B 415 23.48 7.54 -3.92
N ALA B 416 22.59 8.54 -3.85
CA ALA B 416 23.03 9.91 -3.71
C ALA B 416 23.55 10.18 -2.30
N PHE B 417 22.83 9.73 -1.27
CA PHE B 417 23.17 10.06 0.10
C PHE B 417 23.53 8.79 0.86
N PRO B 418 24.77 8.30 0.75
CA PRO B 418 25.07 6.93 1.20
C PRO B 418 24.94 6.68 2.70
N ASN B 419 25.66 7.43 3.52
CA ASN B 419 25.77 7.13 4.94
C ASN B 419 24.79 7.92 5.79
N ILE B 420 23.84 8.61 5.18
CA ILE B 420 22.76 9.24 5.95
C ILE B 420 21.82 8.15 6.45
N GLN B 421 21.52 8.18 7.74
CA GLN B 421 20.62 7.21 8.33
C GLN B 421 19.18 7.58 7.98
N PHE B 422 18.52 6.75 7.19
CA PHE B 422 17.16 7.00 6.74
C PHE B 422 16.17 6.20 7.57
N ILE B 423 15.11 6.85 8.03
CA ILE B 423 13.98 6.18 8.64
C ILE B 423 12.76 6.53 7.81
N ILE B 424 12.11 5.52 7.25
CA ILE B 424 11.15 5.70 6.17
C ILE B 424 9.87 4.96 6.49
N THR B 425 8.74 5.60 6.18
CA THR B 425 7.43 4.98 6.23
C THR B 425 6.90 4.85 4.80
N THR B 426 6.34 3.70 4.48
CA THR B 426 5.83 3.48 3.13
C THR B 426 4.59 2.61 3.17
N HIS B 427 3.81 2.69 2.09
CA HIS B 427 2.65 1.84 1.87
C HIS B 427 2.75 1.10 0.54
N SER B 428 3.93 1.11 -0.07
CA SER B 428 4.08 0.63 -1.43
C SER B 428 4.82 -0.69 -1.46
N PRO B 429 4.16 -1.79 -1.85
CA PRO B 429 4.89 -3.06 -2.01
C PRO B 429 5.94 -3.01 -3.10
N ILE B 430 5.80 -2.12 -4.08
CA ILE B 430 6.83 -1.97 -5.10
C ILE B 430 8.12 -1.45 -4.48
N VAL B 431 7.99 -0.51 -3.53
CA VAL B 431 9.16 0.02 -2.83
C VAL B 431 9.87 -1.09 -2.04
N LEU B 432 9.09 -1.92 -1.34
CA LEU B 432 9.66 -2.96 -0.51
C LEU B 432 10.51 -3.95 -1.31
N SER B 433 10.23 -4.10 -2.60
CA SER B 433 10.98 -5.02 -3.44
C SER B 433 12.42 -4.60 -3.66
N THR B 434 12.81 -3.41 -3.18
CA THR B 434 14.20 -2.96 -3.24
C THR B 434 14.84 -2.89 -1.87
N ILE B 435 14.26 -3.53 -0.86
CA ILE B 435 14.70 -3.40 0.53
C ILE B 435 15.05 -4.79 1.05
N GLU B 436 16.20 -4.90 1.71
CA GLU B 436 16.60 -6.16 2.33
C GLU B 436 15.70 -6.49 3.51
N LYS B 437 15.59 -7.77 3.81
CA LYS B 437 14.67 -8.24 4.85
C LYS B 437 15.00 -7.62 6.21
N ARG B 438 16.29 -7.43 6.51
CA ARG B 438 16.70 -6.90 7.80
C ARG B 438 16.19 -5.48 8.03
N CYS B 439 15.86 -4.76 6.96
CA CYS B 439 15.52 -3.35 7.09
C CYS B 439 14.03 -3.09 7.26
N ILE B 440 13.16 -4.03 6.92
CA ILE B 440 11.73 -3.82 7.12
C ILE B 440 11.41 -3.98 8.61
N ARG B 441 10.58 -3.08 9.11
CA ARG B 441 10.00 -3.20 10.44
C ARG B 441 8.50 -3.15 10.29
N GLU B 442 7.80 -4.21 10.67
CA GLU B 442 6.37 -4.32 10.48
C GLU B 442 5.65 -4.38 11.81
N PHE B 443 4.39 -3.95 11.81
CA PHE B 443 3.52 -4.18 12.94
C PHE B 443 2.63 -5.38 12.68
N GLU B 444 2.24 -6.06 13.74
CA GLU B 444 1.30 -7.16 13.65
C GLU B 444 -0.06 -6.61 13.22
N PRO B 445 -0.69 -7.16 12.18
CA PRO B 445 -1.99 -6.64 11.75
C PRO B 445 -3.07 -6.77 12.80
N ASN B 446 -2.94 -7.70 13.74
CA ASN B 446 -3.89 -7.88 14.82
C ASN B 446 -3.09 -7.76 16.12
N ASP B 447 -3.06 -6.57 16.68
CA ASP B 447 -2.35 -6.33 17.94
C ASP B 447 -3.22 -5.47 18.84
N ASP B 448 -2.99 -5.60 20.14
CA ASP B 448 -3.72 -4.86 21.15
C ASP B 448 -3.10 -3.50 21.48
N GLY B 449 -1.99 -3.15 20.84
CA GLY B 449 -1.27 -1.94 21.15
C GLY B 449 -0.20 -2.08 22.21
N ASP B 450 -0.22 -3.17 22.97
CA ASP B 450 0.80 -3.45 23.97
C ASP B 450 1.95 -4.27 23.42
N GLN B 451 1.98 -4.48 22.09
CA GLN B 451 3.06 -5.20 21.44
C GLN B 451 4.39 -4.52 21.72
N SER B 452 5.26 -5.18 22.48
CA SER B 452 6.43 -4.53 23.03
C SER B 452 7.56 -4.34 22.02
N PHE B 453 7.68 -5.23 21.04
CA PHE B 453 8.74 -5.11 20.04
C PHE B 453 8.12 -5.24 18.65
N LEU B 454 8.98 -5.16 17.64
CA LEU B 454 8.60 -5.33 16.25
C LEU B 454 9.86 -5.69 15.46
N ASP B 455 9.72 -6.61 14.50
CA ASP B 455 10.87 -7.28 13.92
C ASP B 455 10.71 -7.42 12.42
N SER B 456 11.78 -7.93 11.80
CA SER B 456 11.86 -8.08 10.35
C SER B 456 10.92 -9.17 9.86
N PRO B 457 10.62 -9.20 8.55
CA PRO B 457 9.80 -10.30 8.00
C PRO B 457 10.53 -11.64 7.98
N ASP B 458 9.83 -12.66 7.49
CA ASP B 458 10.41 -13.98 7.32
C ASP B 458 10.95 -14.20 5.92
N MET B 459 10.29 -13.65 4.90
CA MET B 459 10.73 -13.83 3.53
C MET B 459 11.73 -12.74 3.13
N GLN B 460 12.59 -13.07 2.18
CA GLN B 460 13.48 -12.07 1.60
C GLN B 460 12.72 -11.28 0.55
N THR B 461 12.58 -9.98 0.76
CA THR B 461 11.80 -9.15 -0.15
C THR B 461 12.64 -8.53 -1.26
N LYS B 462 13.94 -8.36 -1.05
CA LYS B 462 14.79 -7.77 -2.06
C LYS B 462 14.85 -8.67 -3.29
N GLY B 463 14.36 -8.15 -4.41
CA GLY B 463 14.31 -8.91 -5.64
C GLY B 463 13.09 -9.78 -5.81
N SER B 464 12.18 -9.81 -4.84
CA SER B 464 11.02 -10.66 -4.93
C SER B 464 9.96 -10.05 -5.85
N GLU B 465 9.03 -10.89 -6.28
CA GLU B 465 7.92 -10.43 -7.09
C GLU B 465 6.96 -9.58 -6.27
N ASN B 466 6.31 -8.64 -6.93
CA ASN B 466 5.37 -7.74 -6.26
C ASN B 466 4.22 -8.54 -5.68
N ALA B 467 3.71 -9.53 -6.43
CA ALA B 467 2.58 -10.32 -5.95
C ALA B 467 2.93 -11.09 -4.69
N GLN B 468 4.17 -11.57 -4.58
CA GLN B 468 4.60 -12.29 -3.38
C GLN B 468 4.62 -11.37 -2.16
N ILE B 469 5.23 -10.19 -2.30
CA ILE B 469 5.33 -9.24 -1.20
C ILE B 469 3.94 -8.74 -0.79
N LEU B 470 3.07 -8.58 -1.78
CA LEU B 470 1.73 -8.04 -1.53
C LEU B 470 0.95 -8.92 -0.57
N GLU B 471 1.19 -10.23 -0.59
CA GLU B 471 0.43 -11.18 0.20
C GLU B 471 1.19 -11.72 1.40
N GLN B 472 2.49 -12.00 1.27
CA GLN B 472 3.24 -12.58 2.37
C GLN B 472 3.63 -11.55 3.41
N VAL B 473 3.90 -10.32 2.99
CA VAL B 473 4.39 -9.29 3.90
C VAL B 473 3.26 -8.37 4.32
N MET B 474 2.61 -7.74 3.34
CA MET B 474 1.63 -6.70 3.61
C MET B 474 0.25 -7.26 3.93
N ASN B 475 0.05 -8.56 3.71
CA ASN B 475 -1.16 -9.31 4.08
C ASN B 475 -2.38 -8.64 3.42
N VAL B 476 -2.45 -8.82 2.11
CA VAL B 476 -3.61 -8.47 1.29
C VAL B 476 -3.66 -9.45 0.13
N HIS B 477 -4.85 -9.91 -0.22
CA HIS B 477 -5.01 -10.84 -1.33
C HIS B 477 -4.50 -10.22 -2.63
N SER B 478 -3.85 -11.05 -3.45
CA SER B 478 -3.30 -10.57 -4.72
C SER B 478 -4.37 -10.18 -5.73
N THR B 479 -5.61 -10.56 -5.50
CA THR B 479 -6.75 -10.14 -6.30
C THR B 479 -7.84 -9.63 -5.37
N PRO B 480 -8.64 -8.66 -5.81
CA PRO B 480 -9.66 -8.08 -4.93
C PRO B 480 -10.75 -9.10 -4.61
N PRO B 481 -10.86 -9.53 -3.36
CA PRO B 481 -11.90 -10.50 -3.01
C PRO B 481 -13.31 -9.95 -3.15
N GLY B 482 -13.48 -8.64 -3.10
CA GLY B 482 -14.81 -8.05 -3.24
C GLY B 482 -15.35 -8.06 -4.66
N ILE B 483 -14.50 -8.32 -5.64
CA ILE B 483 -14.91 -8.40 -7.03
C ILE B 483 -15.35 -9.85 -7.31
N ALA B 484 -16.64 -10.02 -7.59
CA ALA B 484 -17.17 -11.37 -7.80
C ALA B 484 -16.56 -12.03 -9.02
N GLU B 485 -16.08 -11.24 -9.98
CA GLU B 485 -15.50 -11.80 -11.20
C GLU B 485 -14.17 -12.50 -10.94
N SER B 486 -13.53 -12.26 -9.80
CA SER B 486 -12.26 -12.93 -9.51
C SER B 486 -12.45 -14.37 -9.06
N HIS B 487 -13.63 -14.71 -8.54
CA HIS B 487 -13.89 -16.05 -8.03
C HIS B 487 -14.29 -17.02 -9.12
N TRP B 488 -14.40 -16.58 -10.37
CA TRP B 488 -14.98 -17.40 -11.43
C TRP B 488 -14.15 -18.64 -11.70
N LEU B 489 -12.82 -18.52 -11.66
CA LEU B 489 -11.97 -19.68 -11.90
C LEU B 489 -12.20 -20.76 -10.85
N GLY B 490 -12.38 -20.36 -9.59
CA GLY B 490 -12.65 -21.35 -8.56
C GLY B 490 -13.97 -22.08 -8.75
N ASN B 491 -15.03 -21.33 -9.06
CA ASN B 491 -16.33 -21.95 -9.30
C ASN B 491 -16.28 -22.83 -10.54
N PHE B 492 -15.57 -22.39 -11.58
CA PHE B 492 -15.42 -23.19 -12.78
C PHE B 492 -14.69 -24.50 -12.49
N GLU B 493 -13.64 -24.43 -11.67
CA GLU B 493 -12.91 -25.64 -11.29
C GLU B 493 -13.78 -26.58 -10.48
N LEU B 494 -14.53 -26.03 -9.53
CA LEU B 494 -15.41 -26.88 -8.71
C LEU B 494 -16.49 -27.54 -9.56
N LEU B 495 -17.06 -26.79 -10.51
CA LEU B 495 -18.07 -27.36 -11.40
C LEU B 495 -17.48 -28.42 -12.31
N LEU B 496 -16.25 -28.19 -12.80
CA LEU B 496 -15.65 -29.13 -13.73
C LEU B 496 -15.41 -30.48 -13.09
N LEU B 497 -14.92 -30.49 -11.85
CA LEU B 497 -14.71 -31.75 -11.14
C LEU B 497 -15.99 -32.31 -10.54
N ASP B 498 -17.08 -31.55 -10.56
CA ASP B 498 -18.33 -32.05 -9.98
C ASP B 498 -18.88 -33.24 -10.76
N ASN B 499 -18.52 -33.36 -12.05
CA ASN B 499 -18.87 -34.53 -12.85
C ASN B 499 -17.61 -35.05 -13.54
N SER B 500 -16.85 -35.87 -12.80
CA SER B 500 -15.76 -36.68 -13.33
C SER B 500 -14.72 -35.92 -14.15
N GLY B 501 -14.72 -34.59 -14.08
CA GLY B 501 -13.69 -33.82 -14.74
C GLY B 501 -13.82 -33.66 -16.24
N GLU B 502 -15.02 -33.77 -16.80
CA GLU B 502 -15.20 -33.43 -18.21
C GLU B 502 -16.16 -32.26 -18.34
N LEU B 503 -16.10 -31.61 -19.50
CA LEU B 503 -16.83 -30.37 -19.74
C LEU B 503 -18.34 -30.62 -19.68
N ASP B 504 -19.06 -29.67 -19.08
CA ASP B 504 -20.49 -29.77 -18.92
C ASP B 504 -21.12 -28.43 -19.31
N ASN B 505 -22.45 -28.44 -19.44
CA ASN B 505 -23.16 -27.25 -19.92
C ASN B 505 -23.00 -26.07 -18.96
N HIS B 506 -23.11 -26.30 -17.66
CA HIS B 506 -22.86 -25.25 -16.68
C HIS B 506 -21.40 -24.80 -16.75
N SER B 507 -20.49 -25.77 -16.84
CA SER B 507 -19.08 -25.46 -16.98
C SER B 507 -18.81 -24.73 -18.30
N GLN B 508 -19.53 -25.10 -19.35
CA GLN B 508 -19.38 -24.40 -20.63
C GLN B 508 -19.88 -22.97 -20.54
N VAL B 509 -20.98 -22.74 -19.82
CA VAL B 509 -21.49 -21.39 -19.64
C VAL B 509 -20.48 -20.54 -18.87
N LEU B 510 -19.90 -21.11 -17.81
CA LEU B 510 -18.86 -20.38 -17.07
C LEU B 510 -17.64 -20.12 -17.93
N TYR B 511 -17.28 -21.09 -18.79
CA TYR B 511 -16.18 -20.89 -19.72
C TYR B 511 -16.47 -19.74 -20.68
N ASP B 512 -17.71 -19.68 -21.18
CA ASP B 512 -18.10 -18.60 -22.07
C ASP B 512 -18.05 -17.25 -21.36
N GLN B 513 -18.51 -17.21 -20.11
CA GLN B 513 -18.45 -15.95 -19.35
C GLN B 513 -17.01 -15.51 -19.14
N ILE B 514 -16.12 -16.45 -18.82
CA ILE B 514 -14.70 -16.11 -18.66
C ILE B 514 -14.13 -15.59 -19.97
N LYS B 515 -14.47 -16.26 -21.08
CA LYS B 515 -13.97 -15.85 -22.39
C LYS B 515 -14.45 -14.44 -22.75
N ALA B 516 -15.71 -14.15 -22.47
CA ALA B 516 -16.27 -12.85 -22.80
C ALA B 516 -15.70 -11.75 -21.92
N HIS B 517 -15.59 -12.00 -20.62
CA HIS B 517 -15.16 -10.96 -19.69
C HIS B 517 -13.66 -10.72 -19.78
N PHE B 518 -12.85 -11.76 -19.61
CA PHE B 518 -11.42 -11.57 -19.54
C PHE B 518 -10.76 -11.53 -20.92
N GLY B 519 -11.34 -12.19 -21.92
CA GLY B 519 -10.79 -12.13 -23.26
C GLY B 519 -10.25 -13.48 -23.71
N ILE B 520 -10.17 -13.64 -25.03
CA ILE B 520 -9.72 -14.89 -25.62
C ILE B 520 -8.23 -15.11 -25.38
N ASP B 521 -7.44 -14.03 -25.33
CA ASP B 521 -6.01 -14.14 -25.04
C ASP B 521 -5.68 -14.01 -23.56
N SER B 522 -6.70 -13.89 -22.70
CA SER B 522 -6.44 -13.70 -21.27
C SER B 522 -5.81 -14.95 -20.66
N ILE B 523 -5.03 -14.73 -19.60
CA ILE B 523 -4.40 -15.82 -18.88
C ILE B 523 -5.44 -16.70 -18.19
N GLU B 524 -6.53 -16.10 -17.71
CA GLU B 524 -7.55 -16.86 -17.02
C GLU B 524 -8.22 -17.87 -17.94
N LEU B 525 -8.46 -17.50 -19.20
CA LEU B 525 -9.04 -18.45 -20.14
C LEU B 525 -8.06 -19.57 -20.47
N LYS B 526 -6.77 -19.26 -20.55
CA LYS B 526 -5.77 -20.31 -20.75
C LYS B 526 -5.77 -21.28 -19.58
N LYS B 527 -5.89 -20.76 -18.36
CA LYS B 527 -6.00 -21.62 -17.19
C LYS B 527 -7.25 -22.49 -17.28
N ALA B 528 -8.37 -21.91 -17.69
CA ALA B 528 -9.61 -22.67 -17.78
C ALA B 528 -9.52 -23.79 -18.80
N ASP B 529 -8.95 -23.51 -19.98
CA ASP B 529 -8.90 -24.55 -21.00
C ASP B 529 -7.87 -25.62 -20.67
N SER B 530 -6.75 -25.24 -20.06
CA SER B 530 -5.80 -26.24 -19.57
C SER B 530 -6.42 -27.12 -18.50
N LEU B 531 -7.23 -26.51 -17.63
CA LEU B 531 -7.96 -27.28 -16.61
C LEU B 531 -8.91 -28.28 -17.27
N ILE B 532 -9.63 -27.84 -18.29
CA ILE B 532 -10.53 -28.73 -19.01
C ILE B 532 -9.76 -29.91 -19.60
N ARG B 533 -8.66 -29.60 -20.29
CA ARG B 533 -7.87 -30.64 -20.94
C ARG B 533 -7.33 -31.65 -19.93
N ILE B 534 -6.72 -31.15 -18.86
CA ILE B 534 -6.09 -32.03 -17.88
C ILE B 534 -7.13 -32.89 -17.20
N ASN B 535 -8.26 -32.30 -16.80
CA ASN B 535 -9.27 -33.09 -16.08
C ASN B 535 -9.94 -34.11 -16.98
N LYS B 536 -10.22 -33.76 -18.24
CA LYS B 536 -10.80 -34.74 -19.14
C LYS B 536 -9.84 -35.90 -19.39
N MET B 537 -8.56 -35.59 -19.51
CA MET B 537 -7.56 -36.62 -19.71
C MET B 537 -7.56 -37.51 -18.50
N LYS B 538 -7.51 -36.89 -17.32
CA LYS B 538 -7.56 -37.68 -16.09
C LYS B 538 -8.74 -38.63 -16.10
N ASN B 539 -9.90 -38.16 -16.57
CA ASN B 539 -11.06 -39.04 -16.64
C ASN B 539 -10.82 -40.19 -17.61
N LYS B 540 -10.13 -39.91 -18.72
CA LYS B 540 -9.80 -40.99 -19.65
C LYS B 540 -8.85 -42.00 -19.01
N LEU B 541 -7.90 -41.52 -18.19
CA LEU B 541 -7.02 -42.43 -17.47
C LEU B 541 -7.81 -43.28 -16.47
N ASN B 542 -8.78 -42.67 -15.79
CA ASN B 542 -9.62 -43.41 -14.87
C ASN B 542 -10.43 -44.48 -15.60
N LYS B 543 -10.94 -44.14 -16.79
CA LYS B 543 -11.67 -45.12 -17.59
C LYS B 543 -10.77 -46.27 -18.02
N ILE B 544 -9.52 -45.97 -18.40
CA ILE B 544 -8.59 -47.02 -18.77
C ILE B 544 -8.29 -47.93 -17.57
N ARG B 545 -8.06 -47.33 -16.40
CA ARG B 545 -7.78 -48.12 -15.21
C ARG B 545 -9.01 -48.89 -14.73
N ALA B 546 -10.20 -48.45 -15.12
CA ALA B 546 -11.42 -49.13 -14.69
C ALA B 546 -11.53 -50.53 -15.28
N GLU B 547 -11.00 -50.74 -16.48
CA GLU B 547 -11.05 -52.05 -17.12
C GLU B 547 -9.70 -52.75 -17.03
N MET C 1 -4.49 -31.76 5.49
CA MET C 1 -3.38 -32.45 6.16
C MET C 1 -3.02 -33.76 5.49
N ARG C 2 -1.97 -34.38 6.00
CA ARG C 2 -1.53 -35.70 5.57
C ARG C 2 -2.06 -36.77 6.51
N GLU C 3 -1.91 -38.02 6.10
CA GLU C 3 -2.21 -39.15 6.97
C GLU C 3 -0.95 -39.53 7.73
N LEU C 4 -1.04 -39.56 9.05
CA LEU C 4 0.11 -39.84 9.91
C LEU C 4 -0.18 -41.04 10.79
N ALA C 5 0.85 -41.85 11.00
CA ALA C 5 0.77 -43.03 11.85
C ALA C 5 1.24 -42.61 13.24
N ARG C 6 0.32 -42.67 14.21
CA ARG C 6 0.65 -42.37 15.60
C ARG C 6 1.80 -43.23 16.07
N LEU C 7 2.94 -42.61 16.34
CA LEU C 7 4.16 -43.34 16.65
C LEU C 7 4.09 -43.87 18.07
N GLU C 8 4.99 -44.79 18.43
CA GLU C 8 5.04 -45.29 19.81
C GLU C 8 5.33 -44.14 20.78
N ARG C 9 4.71 -44.16 21.95
CA ARG C 9 4.89 -43.04 22.88
C ARG C 9 6.30 -42.95 23.43
N PRO C 10 6.81 -41.73 23.58
CA PRO C 10 8.12 -41.58 24.20
C PRO C 10 7.99 -41.86 25.68
N GLU C 11 8.97 -42.53 26.27
CA GLU C 11 8.87 -42.92 27.68
C GLU C 11 8.86 -41.73 28.62
N ILE C 12 9.26 -40.54 28.16
CA ILE C 12 9.34 -39.37 29.03
C ILE C 12 7.97 -38.95 29.54
N LEU C 13 6.90 -39.28 28.81
CA LEU C 13 5.56 -38.88 29.23
C LEU C 13 5.05 -39.66 30.43
N ASP C 14 5.64 -40.81 30.73
CA ASP C 14 5.13 -41.67 31.79
C ASP C 14 5.42 -41.13 33.19
N GLN C 15 6.38 -40.21 33.33
CA GLN C 15 6.73 -39.65 34.62
C GLN C 15 5.80 -38.53 35.06
N TYR C 16 4.86 -38.12 34.21
CA TYR C 16 3.96 -37.02 34.52
C TYR C 16 2.52 -37.48 34.43
N ILE C 17 1.71 -37.04 35.39
CA ILE C 17 0.30 -37.39 35.47
C ILE C 17 -0.48 -36.08 35.61
N ALA C 18 -1.68 -36.05 35.02
CA ALA C 18 -2.50 -34.85 35.03
C ALA C 18 -2.87 -34.45 36.44
N GLY C 19 -3.07 -33.15 36.63
CA GLY C 19 -3.41 -32.58 37.94
C GLY C 19 -2.27 -32.03 38.77
N GLN C 20 -1.34 -32.88 39.20
CA GLN C 20 -0.25 -32.40 40.05
C GLN C 20 0.97 -31.94 39.26
N ASN C 21 0.96 -32.10 37.94
CA ASN C 21 2.09 -31.70 37.12
C ASN C 21 1.64 -30.69 36.07
N ASP C 22 2.40 -29.61 35.95
CA ASP C 22 2.19 -28.61 34.92
C ASP C 22 2.91 -29.03 33.64
N TRP C 23 2.42 -28.51 32.51
CA TRP C 23 3.01 -28.89 31.22
C TRP C 23 4.46 -28.46 31.12
N MET C 24 4.82 -27.33 31.75
CA MET C 24 6.18 -26.83 31.67
C MET C 24 7.16 -27.69 32.46
N GLU C 25 6.66 -28.63 33.27
CA GLU C 25 7.53 -29.57 33.96
C GLU C 25 8.17 -30.57 33.01
N ILE C 26 7.71 -30.66 31.77
CA ILE C 26 8.24 -31.59 30.80
C ILE C 26 9.27 -30.86 29.95
N ASP C 27 10.44 -31.50 29.77
CA ASP C 27 11.41 -31.00 28.81
C ASP C 27 10.85 -31.18 27.41
N GLN C 28 10.62 -30.07 26.72
CA GLN C 28 10.05 -30.13 25.37
C GLN C 28 11.01 -30.84 24.41
N SER C 29 12.31 -30.68 24.61
CA SER C 29 13.28 -31.33 23.74
C SER C 29 13.28 -32.84 23.89
N ALA C 30 12.71 -33.37 24.99
CA ALA C 30 12.65 -34.81 25.19
C ALA C 30 11.47 -35.46 24.48
N VAL C 31 10.51 -34.67 23.99
CA VAL C 31 9.35 -35.22 23.29
C VAL C 31 9.34 -34.84 21.81
N TRP C 32 10.02 -33.76 21.42
CA TRP C 32 10.08 -33.33 20.02
C TRP C 32 10.57 -34.38 19.03
N PRO C 33 11.64 -35.17 19.28
CA PRO C 33 12.10 -36.10 18.24
C PRO C 33 11.05 -37.10 17.78
N LYS C 34 10.18 -37.55 18.69
CA LYS C 34 9.16 -38.49 18.28
C LYS C 34 8.14 -37.83 17.35
N LEU C 35 7.76 -36.57 17.64
CA LEU C 35 6.88 -35.84 16.74
C LEU C 35 7.56 -35.58 15.40
N THR C 36 8.88 -35.34 15.41
CA THR C 36 9.60 -35.12 14.17
C THR C 36 9.59 -36.38 13.32
N GLU C 37 9.83 -37.53 13.93
CA GLU C 37 9.74 -38.80 13.20
C GLU C 37 8.32 -39.04 12.70
N MET C 38 7.32 -38.61 13.47
CA MET C 38 5.94 -38.69 13.02
C MET C 38 5.72 -37.88 11.74
N GLN C 39 6.06 -36.59 11.78
CA GLN C 39 5.60 -35.65 10.77
C GLN C 39 6.64 -35.30 9.73
N GLY C 40 7.89 -35.76 9.89
CA GLY C 40 8.90 -35.45 8.90
C GLY C 40 9.32 -34.00 8.85
N GLY C 41 8.95 -33.21 9.86
CA GLY C 41 9.33 -31.82 9.90
C GLY C 41 8.30 -30.85 9.39
N PHE C 42 7.05 -31.28 9.16
CA PHE C 42 6.02 -30.43 8.63
C PHE C 42 4.86 -30.33 9.63
N CYS C 43 4.12 -29.23 9.54
CA CYS C 43 3.01 -29.00 10.45
C CYS C 43 1.94 -30.06 10.28
N ALA C 44 1.34 -30.46 11.40
CA ALA C 44 0.31 -31.50 11.36
C ALA C 44 -0.96 -30.99 10.70
N TYR C 45 -1.23 -29.68 10.79
CA TYR C 45 -2.51 -29.15 10.35
C TYR C 45 -2.46 -28.46 9.00
N CYS C 46 -1.31 -27.91 8.60
CA CYS C 46 -1.23 -27.18 7.33
C CYS C 46 -0.04 -27.59 6.48
N GLU C 47 0.74 -28.57 6.92
CA GLU C 47 1.84 -29.16 6.16
C GLU C 47 2.91 -28.14 5.78
N CYS C 48 3.03 -27.04 6.52
CA CYS C 48 4.12 -26.11 6.26
C CYS C 48 5.39 -26.59 6.96
N ARG C 49 6.53 -26.18 6.42
CA ARG C 49 7.80 -26.50 7.05
C ARG C 49 7.87 -25.88 8.44
N LEU C 50 8.26 -26.67 9.43
CA LEU C 50 8.26 -26.21 10.81
C LEU C 50 9.54 -25.46 11.11
N ASN C 51 9.41 -24.17 11.40
CA ASN C 51 10.49 -23.34 11.89
C ASN C 51 10.15 -22.67 13.21
N ARG C 52 8.91 -22.20 13.36
CA ARG C 52 8.39 -21.73 14.64
C ARG C 52 7.65 -22.89 15.31
N CYS C 53 8.46 -23.85 15.78
CA CYS C 53 7.93 -25.09 16.33
C CYS C 53 7.12 -24.82 17.59
N HIS C 54 6.07 -25.63 17.78
CA HIS C 54 5.14 -25.40 18.89
C HIS C 54 4.42 -26.70 19.17
N ILE C 55 4.67 -27.31 20.32
CA ILE C 55 3.93 -28.52 20.71
C ILE C 55 2.49 -28.13 20.96
N GLU C 56 1.57 -28.82 20.29
CA GLU C 56 0.16 -28.48 20.34
C GLU C 56 -0.63 -29.64 20.91
N HIS C 57 -1.51 -29.33 21.86
CA HIS C 57 -2.46 -30.30 22.38
C HIS C 57 -3.71 -30.21 21.52
N PHE C 58 -4.00 -31.29 20.79
CA PHE C 58 -5.15 -31.30 19.87
C PHE C 58 -6.44 -30.95 20.61
N ARG C 59 -6.68 -31.62 21.72
CA ARG C 59 -7.74 -31.21 22.64
C ARG C 59 -7.14 -30.28 23.68
N PRO C 60 -7.69 -29.08 23.84
CA PRO C 60 -7.01 -28.04 24.65
C PRO C 60 -6.80 -28.47 26.09
N ARG C 61 -5.66 -28.04 26.65
CA ARG C 61 -5.31 -28.39 28.02
C ARG C 61 -6.32 -27.81 29.01
N GLY C 62 -6.75 -26.57 28.77
CA GLY C 62 -7.65 -25.92 29.71
C GLY C 62 -8.98 -26.63 29.84
N LYS C 63 -9.54 -27.08 28.72
CA LYS C 63 -10.84 -27.74 28.76
C LYS C 63 -10.68 -29.25 28.95
N PHE C 64 -9.55 -29.82 28.52
CA PHE C 64 -9.27 -31.25 28.68
C PHE C 64 -8.01 -31.42 29.52
N PRO C 65 -8.08 -31.22 30.83
CA PRO C 65 -6.90 -31.41 31.67
C PRO C 65 -6.42 -32.86 31.72
N ALA C 66 -7.35 -33.82 31.65
CA ALA C 66 -6.98 -35.22 31.79
C ALA C 66 -6.14 -35.71 30.63
N LEU C 67 -6.22 -35.07 29.47
CA LEU C 67 -5.50 -35.50 28.28
C LEU C 67 -4.23 -34.69 28.05
N THR C 68 -3.78 -33.92 29.05
CA THR C 68 -2.60 -33.08 28.88
C THR C 68 -1.36 -33.91 28.59
N PHE C 69 -1.24 -35.08 29.23
CA PHE C 69 -0.07 -35.93 29.07
C PHE C 69 -0.35 -37.17 28.26
N ILE C 70 -1.53 -37.29 27.64
CA ILE C 70 -1.85 -38.44 26.82
C ILE C 70 -1.14 -38.30 25.48
N TRP C 71 -0.46 -39.38 25.07
CA TRP C 71 0.42 -39.30 23.91
C TRP C 71 -0.35 -39.06 22.61
N ASN C 72 -1.57 -39.62 22.51
CA ASN C 72 -2.32 -39.47 21.27
C ASN C 72 -2.93 -38.08 21.09
N ASN C 73 -2.73 -37.17 22.04
CA ASN C 73 -3.27 -35.82 21.96
C ASN C 73 -2.22 -34.78 21.58
N LEU C 74 -1.00 -35.20 21.25
CA LEU C 74 0.11 -34.28 21.01
C LEU C 74 0.41 -34.20 19.52
N PHE C 75 0.50 -32.97 19.01
CA PHE C 75 0.88 -32.73 17.63
C PHE C 75 1.87 -31.57 17.58
N GLY C 76 2.77 -31.63 16.61
CA GLY C 76 3.72 -30.56 16.42
C GLY C 76 3.23 -29.52 15.43
N SER C 77 2.67 -28.44 15.93
CA SER C 77 2.07 -27.40 15.10
C SER C 77 3.05 -26.25 14.88
N CYS C 78 2.79 -25.47 13.84
CA CYS C 78 3.57 -24.27 13.60
C CYS C 78 2.99 -23.10 14.40
N GLY C 79 3.86 -22.16 14.73
CA GLY C 79 3.47 -20.99 15.49
C GLY C 79 3.63 -21.17 16.99
N TRP C 87 -0.74 -15.67 15.79
CA TRP C 87 -0.15 -16.37 14.65
C TRP C 87 -1.15 -16.52 13.51
N SER C 88 -2.43 -16.48 13.86
CA SER C 88 -3.58 -16.40 12.95
C SER C 88 -3.80 -17.66 12.13
N ARG C 89 -3.19 -18.79 12.47
CA ARG C 89 -3.50 -20.04 11.78
C ARG C 89 -3.14 -21.22 12.68
N CYS C 90 -3.68 -22.39 12.33
CA CYS C 90 -3.45 -23.64 13.04
C CYS C 90 -3.83 -23.56 14.51
N GLY C 91 -2.97 -24.10 15.37
CA GLY C 91 -3.33 -24.27 16.78
C GLY C 91 -3.65 -22.97 17.49
N ILE C 92 -2.91 -21.91 17.16
CA ILE C 92 -3.13 -20.61 17.81
C ILE C 92 -4.51 -20.06 17.44
N TYR C 93 -4.88 -20.22 16.19
CA TYR C 93 -6.21 -19.78 15.84
C TYR C 93 -7.19 -20.71 16.53
N LYS C 94 -6.80 -21.97 16.72
CA LYS C 94 -7.71 -22.94 17.32
C LYS C 94 -8.07 -22.57 18.75
N ASP C 95 -7.12 -22.05 19.54
CA ASP C 95 -7.45 -21.81 20.93
C ASP C 95 -7.77 -20.35 21.25
N ASN C 96 -7.28 -19.38 20.46
CA ASN C 96 -7.62 -18.00 20.78
C ASN C 96 -8.08 -17.19 19.57
N GLY C 97 -8.25 -17.79 18.41
CA GLY C 97 -8.79 -17.06 17.27
C GLY C 97 -10.23 -17.44 16.96
N ALA C 98 -10.51 -18.75 16.98
CA ALA C 98 -11.85 -19.25 16.73
C ALA C 98 -12.56 -19.43 18.08
N GLY C 99 -13.75 -20.02 18.05
CA GLY C 99 -14.50 -20.21 19.28
C GLY C 99 -15.77 -20.98 19.02
N ALA C 100 -16.37 -21.46 20.12
CA ALA C 100 -17.65 -22.15 20.13
C ALA C 100 -17.63 -23.43 19.30
N TYR C 101 -16.45 -24.00 19.06
CA TYR C 101 -16.33 -25.21 18.26
C TYR C 101 -16.28 -26.45 19.16
N ASN C 102 -16.52 -27.59 18.53
CA ASN C 102 -16.38 -28.88 19.19
C ASN C 102 -15.19 -29.61 18.58
N ALA C 103 -14.29 -30.12 19.43
CA ALA C 103 -13.10 -30.79 18.95
C ALA C 103 -13.42 -32.07 18.19
N ASP C 104 -14.62 -32.63 18.39
CA ASP C 104 -15.00 -33.84 17.66
C ASP C 104 -15.11 -33.56 16.16
N ASP C 105 -15.61 -32.38 15.80
CA ASP C 105 -15.78 -32.05 14.39
C ASP C 105 -14.45 -31.84 13.67
N LEU C 106 -13.38 -31.59 14.41
CA LEU C 106 -12.08 -31.39 13.78
C LEU C 106 -11.49 -32.72 13.33
N ILE C 107 -10.86 -32.70 12.16
CA ILE C 107 -10.17 -33.87 11.64
C ILE C 107 -8.87 -34.05 12.42
N LYS C 108 -8.72 -35.21 13.08
CA LYS C 108 -7.47 -35.55 13.73
C LYS C 108 -6.66 -36.40 12.76
N PRO C 109 -5.55 -35.90 12.22
CA PRO C 109 -4.89 -36.55 11.08
C PRO C 109 -4.08 -37.80 11.43
N ASP C 110 -4.22 -38.35 12.64
CA ASP C 110 -3.54 -39.58 12.99
C ASP C 110 -4.47 -40.79 13.02
N GLU C 111 -5.78 -40.58 13.04
CA GLU C 111 -6.72 -41.70 13.04
C GLU C 111 -7.84 -41.56 12.03
N GLU C 112 -7.88 -40.47 11.25
CA GLU C 112 -8.85 -40.29 10.20
C GLU C 112 -8.13 -39.90 8.92
N ASN C 113 -8.56 -40.46 7.79
CA ASN C 113 -7.93 -40.13 6.52
C ASN C 113 -8.36 -38.74 6.08
N PRO C 114 -7.42 -37.81 5.89
CA PRO C 114 -7.82 -36.45 5.52
C PRO C 114 -8.38 -36.35 4.10
N ASP C 115 -7.89 -37.17 3.17
CA ASP C 115 -8.35 -37.09 1.79
C ASP C 115 -9.81 -37.49 1.63
N ASP C 116 -10.37 -38.22 2.60
CA ASP C 116 -11.78 -38.55 2.55
C ASP C 116 -12.69 -37.35 2.77
N TYR C 117 -12.15 -36.23 3.27
CA TYR C 117 -12.95 -35.06 3.57
C TYR C 117 -12.48 -33.81 2.86
N LEU C 118 -11.19 -33.62 2.70
CA LEU C 118 -10.62 -32.35 2.24
C LEU C 118 -10.09 -32.50 0.83
N LEU C 119 -10.50 -31.59 -0.05
CA LEU C 119 -10.08 -31.58 -1.45
C LEU C 119 -9.40 -30.25 -1.77
N PHE C 120 -8.30 -30.33 -2.50
CA PHE C 120 -7.46 -29.16 -2.80
C PHE C 120 -7.58 -28.85 -4.29
N LEU C 121 -7.91 -27.59 -4.60
CA LEU C 121 -8.01 -27.17 -5.98
C LEU C 121 -6.65 -26.75 -6.55
N THR C 122 -6.66 -26.47 -7.84
CA THR C 122 -5.55 -25.81 -8.49
C THR C 122 -5.40 -24.35 -8.06
N THR C 123 -6.49 -23.73 -7.60
CA THR C 123 -6.48 -22.30 -7.29
C THR C 123 -5.98 -22.01 -5.89
N GLY C 124 -5.46 -23.01 -5.17
CA GLY C 124 -4.95 -22.81 -3.84
C GLY C 124 -5.99 -22.88 -2.75
N GLU C 125 -7.26 -23.00 -3.09
CA GLU C 125 -8.34 -23.07 -2.13
C GLU C 125 -8.59 -24.52 -1.73
N VAL C 126 -9.07 -24.72 -0.50
CA VAL C 126 -9.42 -26.03 0.00
C VAL C 126 -10.89 -26.03 0.35
N VAL C 127 -11.64 -26.98 -0.22
CA VAL C 127 -13.08 -27.08 -0.07
C VAL C 127 -13.35 -28.54 0.32
N PRO C 128 -14.48 -28.86 0.95
CA PRO C 128 -14.79 -30.28 1.21
C PRO C 128 -14.85 -31.08 -0.08
N ALA C 129 -14.48 -32.36 0.04
CA ALA C 129 -14.40 -33.25 -1.12
C ALA C 129 -15.78 -33.50 -1.70
N ILE C 130 -15.77 -33.91 -2.97
CA ILE C 130 -17.02 -34.08 -3.70
C ILE C 130 -17.82 -35.24 -3.11
N GLY C 131 -19.11 -34.98 -2.85
CA GLY C 131 -20.00 -35.99 -2.34
C GLY C 131 -20.21 -35.96 -0.84
N LEU C 132 -19.54 -35.06 -0.12
CA LEU C 132 -19.70 -34.98 1.31
C LEU C 132 -21.09 -34.50 1.69
N THR C 133 -21.69 -35.15 2.68
CA THR C 133 -23.02 -34.77 3.14
C THR C 133 -23.08 -34.87 4.65
N GLY C 134 -23.85 -33.98 5.26
CA GLY C 134 -24.10 -34.05 6.69
C GLY C 134 -22.86 -33.88 7.52
N ARG C 135 -22.58 -34.88 8.36
CA ARG C 135 -21.50 -34.78 9.33
C ARG C 135 -20.15 -34.64 8.63
N ALA C 136 -19.99 -35.27 7.46
CA ALA C 136 -18.73 -35.19 6.74
C ALA C 136 -18.45 -33.77 6.27
N LEU C 137 -19.45 -33.12 5.66
CA LEU C 137 -19.23 -31.75 5.19
C LEU C 137 -19.04 -30.81 6.37
N LYS C 138 -19.77 -31.03 7.47
CA LYS C 138 -19.59 -30.22 8.66
C LYS C 138 -18.19 -30.38 9.22
N LYS C 139 -17.69 -31.63 9.22
CA LYS C 139 -16.33 -31.94 9.64
C LYS C 139 -15.31 -31.15 8.81
N ALA C 140 -15.45 -31.22 7.49
CA ALA C 140 -14.50 -30.53 6.62
C ALA C 140 -14.60 -29.02 6.77
N GLN C 141 -15.81 -28.49 6.95
CA GLN C 141 -15.98 -27.06 7.11
C GLN C 141 -15.33 -26.55 8.40
N GLU C 142 -15.54 -27.26 9.51
CA GLU C 142 -14.91 -26.85 10.76
C GLU C 142 -13.40 -27.04 10.70
N THR C 143 -12.92 -28.06 10.00
CA THR C 143 -11.49 -28.22 9.83
C THR C 143 -10.91 -27.06 9.03
N ILE C 144 -11.65 -26.60 8.02
CA ILE C 144 -11.21 -25.43 7.25
C ILE C 144 -11.19 -24.19 8.12
N ARG C 145 -12.24 -23.99 8.92
CA ARG C 145 -12.40 -22.73 9.65
C ARG C 145 -11.44 -22.65 10.83
N VAL C 146 -11.48 -23.64 11.72
CA VAL C 146 -10.77 -23.53 13.00
C VAL C 146 -9.26 -23.44 12.78
N PHE C 147 -8.72 -24.28 11.91
CA PHE C 147 -7.32 -24.19 11.58
C PHE C 147 -7.00 -23.04 10.64
N ASN C 148 -8.02 -22.37 10.09
CA ASN C 148 -7.86 -21.27 9.15
C ASN C 148 -7.05 -21.71 7.93
N LEU C 149 -7.50 -22.80 7.30
CA LEU C 149 -6.72 -23.41 6.22
C LEU C 149 -6.70 -22.56 4.96
N ASN C 150 -7.68 -21.68 4.76
CA ASN C 150 -7.70 -20.82 3.59
C ASN C 150 -7.94 -19.35 3.89
N GLY C 151 -8.51 -19.01 5.05
CA GLY C 151 -8.72 -17.61 5.39
C GLY C 151 -7.44 -16.85 5.67
N ASP C 152 -6.37 -17.55 6.04
CA ASP C 152 -5.08 -16.90 6.21
C ASP C 152 -4.52 -16.53 4.85
N ILE C 153 -4.09 -15.28 4.70
CA ILE C 153 -3.54 -14.83 3.42
C ILE C 153 -2.19 -15.48 3.16
N LYS C 154 -1.35 -15.60 4.19
CA LYS C 154 -0.03 -16.18 4.04
C LYS C 154 -0.12 -17.63 3.57
N LEU C 155 -0.95 -18.42 4.25
CA LEU C 155 -1.08 -19.83 3.91
C LEU C 155 -1.66 -20.03 2.51
N PHE C 156 -2.72 -19.31 2.18
CA PHE C 156 -3.30 -19.44 0.88
C PHE C 156 -2.26 -19.09 -0.15
N GLY C 157 -1.66 -17.93 -0.03
CA GLY C 157 -0.71 -17.49 -1.03
C GLY C 157 0.42 -18.46 -1.25
N SER C 158 1.02 -18.95 -0.15
CA SER C 158 2.13 -19.89 -0.29
C SER C 158 1.67 -21.19 -0.95
N ARG C 159 0.51 -21.71 -0.53
CA ARG C 159 0.02 -22.96 -1.10
C ARG C 159 -0.34 -22.79 -2.57
N ARG C 160 -0.98 -21.68 -2.92
CA ARG C 160 -1.34 -21.43 -4.31
C ARG C 160 -0.09 -21.31 -5.18
N THR C 161 0.92 -20.59 -4.70
CA THR C 161 2.12 -20.41 -5.50
C THR C 161 2.89 -21.73 -5.61
N ALA C 162 2.77 -22.59 -4.61
CA ALA C 162 3.38 -23.92 -4.71
C ALA C 162 2.65 -24.79 -5.74
N VAL C 163 1.32 -24.75 -5.73
CA VAL C 163 0.54 -25.60 -6.63
C VAL C 163 0.76 -25.20 -8.08
N GLN C 164 0.71 -23.90 -8.37
CA GLN C 164 0.90 -23.44 -9.75
C GLN C 164 2.33 -23.66 -10.23
N ALA C 165 3.26 -23.88 -9.31
CA ALA C 165 4.64 -24.10 -9.72
C ALA C 165 4.84 -25.42 -10.46
N ILE C 166 3.98 -26.41 -10.23
CA ILE C 166 4.13 -27.73 -10.82
C ILE C 166 3.10 -28.01 -11.90
N MET C 167 2.20 -27.07 -12.18
CA MET C 167 1.15 -27.31 -13.16
C MET C 167 1.65 -27.59 -14.58
N PRO C 168 2.70 -26.93 -15.10
CA PRO C 168 3.27 -27.42 -16.37
C PRO C 168 3.69 -28.87 -16.32
N ASN C 169 4.23 -29.32 -15.19
CA ASN C 169 4.62 -30.73 -15.06
C ASN C 169 3.41 -31.65 -15.09
N VAL C 170 2.33 -31.27 -14.41
CA VAL C 170 1.12 -32.09 -14.44
C VAL C 170 0.52 -32.12 -15.84
N GLU C 171 0.54 -30.98 -16.53
CA GLU C 171 0.04 -30.94 -17.91
C GLU C 171 0.86 -31.84 -18.81
N TYR C 172 2.18 -31.83 -18.65
CA TYR C 172 3.03 -32.53 -19.61
C TYR C 172 3.15 -34.02 -19.29
N LEU C 173 2.97 -34.40 -18.02
CA LEU C 173 3.06 -35.82 -17.66
C LEU C 173 1.97 -36.62 -18.36
N TYR C 174 0.72 -36.12 -18.29
CA TYR C 174 -0.40 -36.86 -18.85
C TYR C 174 -0.46 -36.74 -20.37
N THR C 175 0.13 -35.69 -20.95
CA THR C 175 0.17 -35.57 -22.39
C THR C 175 0.94 -36.72 -23.02
N LEU C 176 1.92 -37.28 -22.31
CA LEU C 176 2.71 -38.39 -22.78
C LEU C 176 2.03 -39.74 -22.56
N LEU C 177 0.71 -39.77 -22.36
CA LEU C 177 0.00 -41.02 -22.10
C LEU C 177 0.14 -41.98 -23.27
N GLU C 178 -0.19 -41.53 -24.48
CA GLU C 178 -0.14 -42.38 -25.65
C GLU C 178 1.27 -42.57 -26.19
N GLU C 179 2.27 -41.88 -25.62
CA GLU C 179 3.63 -41.99 -26.12
C GLU C 179 4.29 -43.31 -25.73
N PHE C 180 3.90 -43.91 -24.61
CA PHE C 180 4.52 -45.13 -24.15
C PHE C 180 3.46 -46.13 -23.73
N ASP C 181 3.90 -47.37 -23.55
CA ASP C 181 3.07 -48.36 -22.85
C ASP C 181 2.86 -47.91 -21.41
N GLU C 182 1.68 -48.24 -20.86
CA GLU C 182 1.26 -47.65 -19.60
C GLU C 182 2.11 -48.06 -18.40
N ASP C 183 2.96 -49.09 -18.54
CA ASP C 183 3.76 -49.53 -17.39
C ASP C 183 4.78 -48.47 -16.98
N ASP C 184 5.60 -48.01 -17.92
CA ASP C 184 6.60 -47.01 -17.55
C ASP C 184 5.97 -45.64 -17.32
N TRP C 185 4.81 -45.36 -17.92
CA TRP C 185 4.08 -44.15 -17.57
C TRP C 185 3.59 -44.20 -16.13
N ASN C 186 3.12 -45.36 -15.68
CA ASN C 186 2.77 -45.53 -14.27
C ASN C 186 4.01 -45.37 -13.40
N GLU C 187 5.16 -45.83 -13.89
CA GLU C 187 6.41 -45.62 -13.17
C GLU C 187 6.74 -44.14 -13.03
N MET C 188 6.55 -43.36 -14.10
CA MET C 188 6.75 -41.93 -14.04
C MET C 188 5.80 -41.27 -13.04
N LEU C 189 4.53 -41.69 -13.04
CA LEU C 189 3.57 -41.12 -12.12
C LEU C 189 3.94 -41.45 -10.67
N ARG C 190 4.39 -42.68 -10.42
CA ARG C 190 4.84 -43.05 -9.08
C ARG C 190 6.07 -42.24 -8.67
N ASP C 191 6.99 -42.03 -9.60
CA ASP C 191 8.18 -41.22 -9.29
C ASP C 191 7.79 -39.79 -8.94
N GLU C 192 6.83 -39.22 -9.67
CA GLU C 192 6.36 -37.88 -9.34
C GLU C 192 5.68 -37.85 -7.98
N LEU C 193 4.90 -38.89 -7.67
CA LEU C 193 4.26 -38.97 -6.35
C LEU C 193 5.28 -39.19 -5.24
N GLU C 194 6.48 -39.66 -5.57
CA GLU C 194 7.51 -39.84 -4.55
C GLU C 194 8.10 -38.50 -4.12
N LYS C 195 8.44 -37.65 -5.07
CA LYS C 195 9.10 -36.39 -4.70
C LYS C 195 8.22 -35.50 -3.84
N ILE C 196 6.94 -35.42 -4.14
CA ILE C 196 6.09 -34.49 -3.41
C ILE C 196 6.05 -34.80 -1.92
N GLU C 197 6.39 -36.03 -1.53
CA GLU C 197 6.42 -36.40 -0.12
C GLU C 197 7.44 -35.60 0.67
N SER C 198 8.47 -35.07 0.02
CA SER C 198 9.51 -34.29 0.67
C SER C 198 9.31 -32.79 0.51
N ASP C 199 8.11 -32.35 0.14
CA ASP C 199 7.83 -30.94 -0.10
C ASP C 199 6.65 -30.48 0.75
N GLU C 200 6.56 -29.16 0.91
CA GLU C 200 5.48 -28.56 1.66
C GLU C 200 4.14 -28.75 0.96
N TYR C 201 3.07 -28.82 1.75
CA TYR C 201 1.70 -28.94 1.26
C TYR C 201 1.53 -30.12 0.32
N LYS C 202 2.10 -31.27 0.72
CA LYS C 202 2.12 -32.42 -0.19
C LYS C 202 0.73 -32.96 -0.50
N THR C 203 -0.26 -32.70 0.35
CA THR C 203 -1.61 -33.15 0.05
C THR C 203 -2.18 -32.42 -1.17
N ALA C 204 -1.93 -31.11 -1.27
CA ALA C 204 -2.39 -30.36 -2.44
C ALA C 204 -1.69 -30.83 -3.70
N LEU C 205 -0.38 -31.08 -3.61
CA LEU C 205 0.35 -31.57 -4.78
C LEU C 205 -0.15 -32.94 -5.19
N LYS C 206 -0.46 -33.81 -4.22
CA LYS C 206 -1.03 -35.11 -4.55
C LYS C 206 -2.39 -34.96 -5.21
N HIS C 207 -3.23 -34.06 -4.68
CA HIS C 207 -4.53 -33.81 -5.31
C HIS C 207 -4.36 -33.32 -6.75
N ALA C 208 -3.30 -32.58 -7.02
CA ALA C 208 -3.02 -32.15 -8.40
C ALA C 208 -2.59 -33.33 -9.26
N TRP C 209 -1.70 -34.18 -8.74
CA TRP C 209 -1.14 -35.27 -9.54
C TRP C 209 -2.06 -36.48 -9.65
N THR C 210 -2.88 -36.74 -8.64
CA THR C 210 -3.60 -38.01 -8.59
C THR C 210 -4.69 -38.10 -9.66
N PHE C 211 -5.12 -39.33 -9.93
CA PHE C 211 -6.23 -39.56 -10.84
C PHE C 211 -7.53 -38.95 -10.30
N ASN C 212 -7.80 -39.16 -9.02
CA ASN C 212 -9.06 -38.71 -8.43
C ASN C 212 -8.82 -37.89 -7.17
PG ATP D . -1.24 6.27 8.66
O1G ATP D . -1.23 7.70 8.25
O2G ATP D . -2.62 5.73 9.00
O3G ATP D . -0.58 5.35 7.63
PB ATP D . 0.22 6.92 11.19
O1B ATP D . 1.58 6.51 11.56
O2B ATP D . 0.01 8.38 10.83
O3B ATP D . -0.37 6.06 9.99
PA ATP D . -0.82 6.75 13.92
O1A ATP D . -0.79 5.44 14.59
O2A ATP D . 0.32 7.70 14.27
O3A ATP D . -0.79 6.58 12.36
O5' ATP D . -2.19 7.50 14.17
C5' ATP D . -2.73 7.66 15.49
C4' ATP D . -3.36 6.36 15.93
O4' ATP D . -3.04 6.11 17.30
C3' ATP D . -4.88 6.30 15.86
O3' ATP D . -5.33 4.97 15.71
C2' ATP D . -5.29 6.90 17.20
O2' ATP D . -6.52 6.36 17.63
C1' ATP D . -4.15 6.43 18.12
N9 ATP D . -3.73 7.43 19.09
C8 ATP D . -2.92 8.52 18.86
N7 ATP D . -2.71 9.25 19.92
C5 ATP D . -3.42 8.60 20.92
C6 ATP D . -3.60 8.88 22.30
N6 ATP D . -3.04 9.92 22.92
N1 ATP D . -4.36 8.03 23.01
C2 ATP D . -4.92 6.98 22.39
N3 ATP D . -4.82 6.62 21.11
C4 ATP D . -4.05 7.48 20.42
ZN ZN E . 0.49 -25.14 10.40
#